data_4CJC
#
_entry.id   4CJC
#
_cell.length_a   80.120
_cell.length_b   120.150
_cell.length_c   131.830
_cell.angle_alpha   90.00
_cell.angle_beta   90.00
_cell.angle_gamma   90.00
#
_symmetry.space_group_name_H-M   'P 21 21 21'
#
loop_
_entity.id
_entity.type
_entity.pdbx_description
1 polymer 'GLYCOSYLTRANSFERASE FAMILY 6'
2 non-polymer URIDINE-DIPHOSPHATE-N-ACETYLGALACTOSAMINE
3 non-polymer "URIDINE-5'-DIPHOSPHATE"
4 non-polymer 2-acetamido-2-deoxy-alpha-D-galactopyranose
#
_entity_poly.entity_id   1
_entity_poly.type   'polypeptide(L)'
_entity_poly.pdbx_seq_one_letter_code
;MRIGILYICTGKYDIFWKDFYLSAERYFMQDQSFIIEYYVFTDSPKLYDEENNKHIHRIKQKNLGWPDNTLKRFHIFLRI
KEQLERETDYLFFFNANLLFTSPIGKEILPPSDSNGLLGTMHPGFYNKPNSEFTYERRDASTAYIPEGEGRYYYAGGLSG
GCTKAYLKLCTTICSWVDRDATNHIIPIWHDQSLINKYFLDNPPAITLSPAYLYPEGWLLPFEPIILIRDKNKPQYGGHE
LLRRKN
;
_entity_poly.pdbx_strand_id   A,B,C,D
#
loop_
_chem_comp.id
_chem_comp.type
_chem_comp.name
_chem_comp.formula
A2G D-saccharide, alpha linking 2-acetamido-2-deoxy-alpha-D-galactopyranose 'C8 H15 N O6'
UD2 non-polymer URIDINE-DIPHOSPHATE-N-ACETYLGALACTOSAMINE 'C17 H27 N3 O17 P2'
UDP RNA linking URIDINE-5'-DIPHOSPHATE 'C9 H14 N2 O12 P2'
#
# COMPACT_ATOMS: atom_id res chain seq x y z
N MET A 1 -36.50 1.93 6.46
CA MET A 1 -36.84 0.68 5.80
C MET A 1 -36.37 -0.54 6.60
N ARG A 2 -36.87 -1.70 6.20
CA ARG A 2 -36.62 -2.94 6.91
C ARG A 2 -35.44 -3.70 6.27
N ILE A 3 -34.36 -3.85 7.04
CA ILE A 3 -33.16 -4.50 6.53
C ILE A 3 -32.97 -5.87 7.17
N GLY A 4 -32.77 -6.89 6.33
CA GLY A 4 -32.60 -8.23 6.83
C GLY A 4 -31.14 -8.59 6.95
N ILE A 5 -30.79 -9.21 8.07
CA ILE A 5 -29.41 -9.60 8.33
C ILE A 5 -29.32 -11.11 8.53
N LEU A 6 -28.65 -11.79 7.59
CA LEU A 6 -28.50 -13.24 7.64
C LEU A 6 -27.40 -13.62 8.60
N TYR A 7 -27.61 -14.70 9.35
CA TYR A 7 -26.63 -15.14 10.32
C TYR A 7 -26.70 -16.65 10.54
N ILE A 8 -25.56 -17.31 10.39
CA ILE A 8 -25.49 -18.76 10.58
C ILE A 8 -24.65 -19.09 11.80
N CYS A 9 -25.16 -19.98 12.63
CA CYS A 9 -24.46 -20.40 13.83
C CYS A 9 -24.93 -21.80 14.22
N THR A 10 -24.12 -22.79 13.94
CA THR A 10 -24.47 -24.17 14.25
C THR A 10 -23.41 -24.77 15.15
N GLY A 11 -23.72 -25.93 15.74
CA GLY A 11 -22.78 -26.59 16.62
C GLY A 11 -22.55 -25.73 17.85
N LYS A 12 -21.29 -25.36 18.07
CA LYS A 12 -20.93 -24.58 19.24
C LYS A 12 -20.85 -23.09 18.92
N TYR A 13 -21.13 -22.72 17.68
CA TYR A 13 -20.99 -21.31 17.26
C TYR A 13 -22.12 -20.42 17.79
N ASP A 14 -22.95 -20.96 18.68
CA ASP A 14 -24.06 -20.20 19.24
C ASP A 14 -23.51 -19.40 20.41
N ILE A 15 -22.24 -19.64 20.73
CA ILE A 15 -21.56 -18.91 21.80
C ILE A 15 -21.21 -17.52 21.28
N PHE A 16 -21.13 -17.40 19.96
CA PHE A 16 -20.79 -16.13 19.30
C PHE A 16 -21.97 -15.17 19.14
N TRP A 17 -23.19 -15.72 19.11
CA TRP A 17 -24.40 -14.94 18.81
C TRP A 17 -24.74 -13.76 19.72
N LYS A 18 -24.49 -13.94 21.02
CA LYS A 18 -24.85 -12.95 22.02
C LYS A 18 -24.22 -11.59 21.90
N ASP A 19 -22.89 -11.57 22.03
CA ASP A 19 -22.10 -10.34 22.02
C ASP A 19 -22.36 -9.67 20.68
N PHE A 20 -22.64 -10.48 19.66
CA PHE A 20 -22.96 -9.97 18.35
C PHE A 20 -24.32 -9.31 18.35
N TYR A 21 -25.30 -10.00 18.94
CA TYR A 21 -26.67 -9.49 19.02
C TYR A 21 -26.73 -8.15 19.76
N LEU A 22 -26.06 -8.08 20.90
CA LEU A 22 -26.00 -6.86 21.70
C LEU A 22 -25.31 -5.73 20.94
N SER A 23 -24.17 -6.04 20.34
CA SER A 23 -23.39 -5.06 19.58
C SER A 23 -24.16 -4.54 18.37
N ALA A 24 -24.96 -5.42 17.77
CA ALA A 24 -25.77 -5.06 16.62
C ALA A 24 -26.76 -3.97 17.00
N GLU A 25 -27.39 -4.10 18.14
CA GLU A 25 -28.30 -3.08 18.60
C GLU A 25 -27.63 -1.75 18.94
N ARG A 26 -26.49 -1.80 19.62
CA ARG A 26 -25.79 -0.61 20.00
C ARG A 26 -25.36 0.15 18.77
N TYR A 27 -24.90 -0.54 17.76
CA TYR A 27 -24.39 0.15 16.59
C TYR A 27 -25.15 0.11 15.30
N PHE A 28 -25.62 -1.08 14.90
CA PHE A 28 -26.46 -1.20 13.71
C PHE A 28 -27.87 -0.60 13.88
N MET A 29 -28.40 -0.03 12.80
CA MET A 29 -29.80 0.44 12.74
C MET A 29 -30.20 1.46 13.81
N GLN A 30 -29.32 2.41 14.09
CA GLN A 30 -29.52 3.40 15.14
C GLN A 30 -30.70 4.38 15.00
N ASP A 31 -30.95 4.90 13.79
CA ASP A 31 -31.76 6.07 13.63
C ASP A 31 -33.02 5.43 13.22
N GLN A 32 -34.13 6.08 13.46
CA GLN A 32 -35.41 5.42 13.46
C GLN A 32 -35.80 4.83 12.12
N SER A 33 -35.18 5.30 11.07
CA SER A 33 -35.69 4.93 9.79
C SER A 33 -35.69 3.44 9.67
N PHE A 34 -34.70 2.77 10.24
CA PHE A 34 -34.42 1.36 9.96
C PHE A 34 -34.81 0.38 11.06
N ILE A 35 -35.41 -0.75 10.67
CA ILE A 35 -35.70 -1.87 11.59
C ILE A 35 -34.98 -3.18 11.27
N ILE A 36 -34.29 -3.69 12.24
CA ILE A 36 -33.40 -4.83 12.09
C ILE A 36 -34.12 -6.16 12.28
N GLU A 37 -33.83 -7.14 11.44
CA GLU A 37 -34.50 -8.43 11.50
C GLU A 37 -33.47 -9.54 11.42
N TYR A 38 -33.30 -10.28 12.53
CA TYR A 38 -32.29 -11.32 12.58
C TYR A 38 -32.85 -12.64 12.06
N TYR A 39 -32.14 -13.25 11.12
CA TYR A 39 -32.52 -14.54 10.57
C TYR A 39 -31.45 -15.55 10.95
N VAL A 40 -31.65 -16.19 12.10
CA VAL A 40 -30.64 -17.09 12.65
C VAL A 40 -30.91 -18.53 12.25
N PHE A 41 -29.85 -19.23 11.83
CA PHE A 41 -29.93 -20.64 11.43
C PHE A 41 -29.11 -21.43 12.43
N THR A 42 -29.78 -22.18 13.27
CA THR A 42 -29.06 -22.90 14.26
C THR A 42 -29.61 -24.28 14.45
N ASP A 43 -28.77 -25.17 14.92
CA ASP A 43 -29.22 -26.45 15.35
C ASP A 43 -30.04 -26.23 16.59
N SER A 44 -29.55 -25.39 17.46
CA SER A 44 -30.00 -25.34 18.82
C SER A 44 -31.41 -24.86 18.90
N PRO A 45 -32.11 -25.32 19.93
CA PRO A 45 -33.43 -24.84 20.26
C PRO A 45 -33.37 -23.40 20.70
N LYS A 46 -32.42 -23.08 21.56
CA LYS A 46 -32.44 -21.75 22.17
C LYS A 46 -31.38 -20.79 21.75
N LEU A 47 -31.81 -19.56 21.49
CA LEU A 47 -30.96 -18.48 21.09
C LEU A 47 -31.17 -17.32 22.00
N TYR A 48 -30.09 -16.79 22.55
CA TYR A 48 -30.12 -15.48 23.19
C TYR A 48 -30.43 -14.23 22.39
N ASP A 49 -31.20 -13.34 22.97
CA ASP A 49 -31.99 -13.64 24.12
C ASP A 49 -33.21 -13.60 23.26
N GLU A 50 -33.96 -14.67 23.37
CA GLU A 50 -35.09 -14.79 22.51
C GLU A 50 -36.31 -14.35 23.31
N GLU A 51 -37.49 -14.74 22.88
CA GLU A 51 -38.75 -14.46 23.56
C GLU A 51 -39.00 -13.00 23.50
N ASN A 52 -38.07 -12.27 24.08
CA ASN A 52 -38.18 -10.85 24.28
C ASN A 52 -38.24 -10.02 23.03
N ASN A 53 -37.50 -10.34 22.01
CA ASN A 53 -37.61 -9.49 20.85
C ASN A 53 -38.22 -10.21 19.70
N LYS A 54 -39.31 -9.71 19.19
CA LYS A 54 -40.00 -10.48 18.18
C LYS A 54 -39.18 -10.64 16.97
N HIS A 55 -38.47 -9.60 16.61
CA HIS A 55 -37.97 -9.46 15.27
C HIS A 55 -37.10 -10.61 14.95
N ILE A 56 -36.28 -10.92 15.91
CA ILE A 56 -35.31 -11.93 15.74
C ILE A 56 -36.06 -13.18 15.46
N HIS A 57 -35.63 -13.91 14.45
CA HIS A 57 -36.34 -15.09 14.00
C HIS A 57 -35.43 -16.32 14.05
N ARG A 58 -35.79 -17.34 14.82
CA ARG A 58 -34.95 -18.52 14.85
C ARG A 58 -35.41 -19.46 13.75
N ILE A 59 -34.47 -19.86 12.90
CA ILE A 59 -34.77 -20.76 11.81
C ILE A 59 -34.06 -22.09 12.02
N LYS A 60 -34.83 -23.16 12.07
CA LYS A 60 -34.29 -24.47 12.38
C LYS A 60 -33.39 -24.94 11.26
N GLN A 61 -32.24 -25.48 11.63
CA GLN A 61 -31.27 -25.99 10.67
C GLN A 61 -30.23 -26.83 11.38
N LYS A 62 -29.98 -28.03 10.88
CA LYS A 62 -29.07 -28.96 11.56
C LYS A 62 -27.62 -28.69 11.17
N ASN A 63 -26.70 -29.43 11.81
CA ASN A 63 -25.27 -29.30 11.56
C ASN A 63 -24.80 -30.11 10.36
N LEU A 64 -24.10 -29.45 9.44
CA LEU A 64 -23.57 -30.11 8.24
C LEU A 64 -22.06 -30.26 8.33
N GLY A 65 -21.45 -29.62 9.34
CA GLY A 65 -20.02 -29.72 9.56
C GLY A 65 -19.17 -29.09 8.47
N TRP A 66 -17.85 -29.10 8.68
CA TRP A 66 -16.91 -28.59 7.69
C TRP A 66 -16.85 -29.54 6.50
N PRO A 67 -16.79 -29.01 5.27
CA PRO A 67 -16.87 -27.60 4.90
C PRO A 67 -18.27 -27.21 4.45
N ASP A 68 -19.21 -28.14 4.55
CA ASP A 68 -20.55 -27.97 4.02
C ASP A 68 -21.31 -26.81 4.68
N ASN A 69 -20.92 -26.45 5.91
CA ASN A 69 -21.61 -25.38 6.63
C ASN A 69 -21.38 -23.99 6.04
N THR A 70 -20.28 -23.81 5.30
CA THR A 70 -20.01 -22.53 4.64
C THR A 70 -20.15 -22.71 3.13
N LEU A 71 -20.01 -23.94 2.67
CA LEU A 71 -20.17 -24.22 1.25
C LEU A 71 -21.63 -24.05 0.86
N LYS A 72 -22.51 -24.75 1.57
CA LYS A 72 -23.94 -24.71 1.25
C LYS A 72 -24.71 -23.69 2.09
N ARG A 73 -24.10 -22.55 2.40
CA ARG A 73 -24.82 -21.48 3.07
C ARG A 73 -25.95 -20.91 2.23
N PHE A 74 -25.76 -20.90 0.92
CA PHE A 74 -26.71 -20.25 0.04
C PHE A 74 -27.97 -21.09 -0.16
N HIS A 75 -27.85 -22.40 0.07
CA HIS A 75 -29.02 -23.26 0.03
C HIS A 75 -29.80 -23.06 1.34
N ILE A 76 -29.07 -22.60 2.36
CA ILE A 76 -29.66 -22.36 3.66
C ILE A 76 -30.49 -21.07 3.61
N PHE A 77 -30.07 -20.11 2.79
CA PHE A 77 -30.82 -18.87 2.60
C PHE A 77 -32.04 -19.04 1.71
N LEU A 78 -32.10 -20.14 0.96
CA LEU A 78 -33.18 -20.34 -0.01
C LEU A 78 -34.32 -21.20 0.53
N ARG A 79 -34.09 -21.85 1.66
CA ARG A 79 -35.13 -22.65 2.30
C ARG A 79 -36.29 -21.73 2.67
N ILE A 80 -35.97 -20.46 2.87
CA ILE A 80 -36.93 -19.43 3.23
C ILE A 80 -37.02 -18.27 2.23
N LYS A 81 -36.70 -18.53 0.96
CA LYS A 81 -36.63 -17.49 -0.07
C LYS A 81 -37.81 -16.51 -0.06
N GLU A 82 -39.02 -17.04 -0.16
CA GLU A 82 -40.23 -16.24 -0.29
C GLU A 82 -40.42 -15.29 0.89
N GLN A 83 -39.92 -15.69 2.05
CA GLN A 83 -40.07 -14.92 3.27
C GLN A 83 -39.28 -13.62 3.19
N LEU A 84 -38.15 -13.68 2.49
CA LEU A 84 -37.20 -12.57 2.45
C LEU A 84 -37.65 -11.49 1.49
N GLU A 85 -38.71 -11.78 0.73
CA GLU A 85 -39.15 -10.84 -0.28
C GLU A 85 -40.25 -9.93 0.26
N ARG A 86 -41.01 -10.43 1.23
CA ARG A 86 -42.10 -9.67 1.81
C ARG A 86 -41.71 -8.88 3.07
N GLU A 87 -40.69 -9.35 3.79
CA GLU A 87 -40.30 -8.72 5.06
C GLU A 87 -38.98 -7.95 5.00
N THR A 88 -38.28 -8.00 3.88
CA THR A 88 -36.99 -7.32 3.77
C THR A 88 -36.80 -6.51 2.49
N ASP A 89 -35.92 -5.52 2.55
CA ASP A 89 -35.55 -4.72 1.38
C ASP A 89 -34.06 -4.83 1.08
N TYR A 90 -33.24 -4.81 2.14
CA TYR A 90 -31.80 -4.99 2.01
C TYR A 90 -31.36 -6.23 2.77
N LEU A 91 -30.30 -6.88 2.28
CA LEU A 91 -29.79 -8.08 2.92
C LEU A 91 -28.32 -7.95 3.26
N PHE A 92 -27.90 -8.69 4.27
CA PHE A 92 -26.49 -8.75 4.68
C PHE A 92 -26.15 -10.07 5.36
N PHE A 93 -24.89 -10.47 5.23
CA PHE A 93 -24.39 -11.63 5.95
C PHE A 93 -23.22 -11.24 6.83
N PHE A 94 -23.27 -11.67 8.09
CA PHE A 94 -22.18 -11.42 9.02
C PHE A 94 -21.63 -12.74 9.54
N ASN A 95 -20.30 -12.83 9.60
CA ASN A 95 -19.61 -13.97 10.15
C ASN A 95 -20.02 -14.16 11.61
N ALA A 96 -19.91 -15.38 12.14
CA ALA A 96 -20.38 -15.64 13.50
C ALA A 96 -19.54 -14.90 14.52
N ASN A 97 -18.23 -14.85 14.28
CA ASN A 97 -17.31 -14.24 15.22
C ASN A 97 -17.10 -12.75 14.97
N LEU A 98 -18.06 -12.11 14.31
CA LEU A 98 -17.95 -10.68 14.09
C LEU A 98 -18.45 -9.91 15.30
N LEU A 99 -18.09 -8.64 15.35
CA LEU A 99 -18.48 -7.78 16.46
C LEU A 99 -18.44 -6.33 16.02
N PHE A 100 -19.30 -5.51 16.59
CA PHE A 100 -19.36 -4.11 16.19
C PHE A 100 -18.60 -3.27 17.19
N THR A 101 -18.01 -2.18 16.71
CA THR A 101 -17.19 -1.31 17.53
C THR A 101 -17.52 0.16 17.26
N SER A 102 -17.90 0.45 16.02
CA SER A 102 -18.24 1.81 15.62
C SER A 102 -19.57 1.82 14.87
N PRO A 103 -20.34 2.91 15.02
CA PRO A 103 -21.70 3.00 14.46
C PRO A 103 -21.72 2.80 12.95
N ILE A 104 -22.82 2.28 12.43
CA ILE A 104 -22.95 2.03 11.01
C ILE A 104 -24.14 2.91 10.60
N GLY A 105 -24.60 2.81 9.36
CA GLY A 105 -25.72 3.58 8.90
C GLY A 105 -25.97 3.38 7.43
N LYS A 106 -26.37 4.46 6.77
CA LYS A 106 -26.81 4.39 5.38
C LYS A 106 -25.62 4.37 4.42
N GLU A 107 -24.42 4.58 4.96
CA GLU A 107 -23.21 4.69 4.13
C GLU A 107 -22.89 3.39 3.40
N ILE A 108 -23.46 2.29 3.88
CA ILE A 108 -23.16 0.97 3.32
C ILE A 108 -24.27 0.44 2.43
N LEU A 109 -25.39 1.15 2.35
CA LEU A 109 -26.51 0.72 1.52
C LEU A 109 -26.30 1.10 0.06
N PRO A 110 -26.27 0.09 -0.83
CA PRO A 110 -26.08 0.36 -2.26
C PRO A 110 -27.16 1.27 -2.83
N PRO A 111 -26.76 2.24 -3.67
CA PRO A 111 -27.76 3.08 -4.35
C PRO A 111 -28.74 2.21 -5.12
N SER A 112 -29.99 2.66 -5.25
CA SER A 112 -31.02 1.85 -5.90
C SER A 112 -30.84 1.78 -7.42
N ASP A 113 -30.19 2.79 -7.98
CA ASP A 113 -29.95 2.87 -9.41
C ASP A 113 -28.88 1.89 -9.90
N SER A 114 -28.04 1.40 -9.00
CA SER A 114 -26.95 0.50 -9.39
C SER A 114 -27.36 -0.96 -9.40
N ASN A 115 -26.37 -1.85 -9.39
CA ASN A 115 -26.62 -3.28 -9.43
C ASN A 115 -27.23 -3.75 -8.12
N GLY A 116 -26.76 -3.18 -7.03
CA GLY A 116 -27.29 -3.48 -5.70
C GLY A 116 -26.57 -4.59 -4.97
N LEU A 117 -25.23 -4.59 -5.06
CA LEU A 117 -24.41 -5.60 -4.40
C LEU A 117 -23.35 -4.96 -3.54
N LEU A 118 -22.84 -5.72 -2.57
CA LEU A 118 -21.81 -5.21 -1.68
C LEU A 118 -20.78 -6.28 -1.37
N GLY A 119 -19.51 -5.88 -1.32
CA GLY A 119 -18.42 -6.76 -0.97
C GLY A 119 -17.46 -6.06 -0.04
N THR A 120 -16.57 -6.83 0.58
CA THR A 120 -15.58 -6.25 1.49
C THR A 120 -14.19 -6.79 1.19
N MET A 121 -13.20 -5.91 1.20
CA MET A 121 -11.83 -6.33 0.95
C MET A 121 -11.39 -7.30 2.04
N HIS A 122 -10.48 -8.20 1.71
CA HIS A 122 -10.02 -9.16 2.71
C HIS A 122 -8.90 -8.51 3.49
N PRO A 123 -8.92 -8.67 4.82
CA PRO A 123 -7.96 -7.99 5.70
C PRO A 123 -6.50 -8.38 5.41
N GLY A 124 -6.30 -9.56 4.85
CA GLY A 124 -4.95 -10.03 4.60
C GLY A 124 -4.48 -9.77 3.18
N PHE A 125 -5.41 -9.47 2.28
CA PHE A 125 -5.05 -9.29 0.87
C PHE A 125 -5.48 -7.93 0.33
N TYR A 126 -5.51 -6.93 1.20
CA TYR A 126 -5.86 -5.59 0.75
C TYR A 126 -4.61 -4.84 0.33
N ASN A 127 -3.46 -5.26 0.87
CA ASN A 127 -2.19 -4.63 0.55
C ASN A 127 -1.36 -5.42 -0.45
N LYS A 128 -1.99 -6.38 -1.12
CA LYS A 128 -1.30 -7.28 -2.02
C LYS A 128 -1.81 -7.14 -3.45
N PRO A 129 -1.00 -7.54 -4.44
CA PRO A 129 -1.41 -7.42 -5.84
C PRO A 129 -2.08 -8.69 -6.35
N ASN A 130 -2.45 -8.67 -7.63
CA ASN A 130 -3.21 -9.75 -8.25
C ASN A 130 -2.46 -11.09 -8.13
N SER A 131 -1.13 -11.01 -8.19
CA SER A 131 -0.27 -12.19 -8.15
C SER A 131 -0.51 -13.08 -6.92
N GLU A 132 -1.06 -12.49 -5.86
CA GLU A 132 -1.23 -13.19 -4.60
C GLU A 132 -2.66 -13.53 -4.21
N PHE A 133 -3.62 -13.24 -5.08
CA PHE A 133 -5.00 -13.59 -4.77
C PHE A 133 -5.15 -15.11 -4.79
N THR A 134 -5.90 -15.64 -3.83
CA THR A 134 -6.11 -17.09 -3.75
C THR A 134 -7.46 -17.47 -4.33
N TYR A 135 -7.63 -17.25 -5.62
CA TYR A 135 -8.84 -17.70 -6.31
C TYR A 135 -8.75 -19.21 -6.52
N GLU A 136 -9.62 -19.73 -7.39
CA GLU A 136 -9.53 -21.12 -7.80
C GLU A 136 -8.96 -21.17 -9.20
N ARG A 137 -7.96 -22.05 -9.39
CA ARG A 137 -7.17 -22.04 -10.61
C ARG A 137 -7.38 -23.35 -11.36
N ARG A 138 -8.38 -24.12 -10.95
CA ARG A 138 -8.68 -25.35 -11.66
C ARG A 138 -9.78 -25.07 -12.67
N ASP A 139 -9.53 -25.45 -13.91
CA ASP A 139 -10.38 -25.11 -15.04
C ASP A 139 -11.77 -25.72 -14.97
N ALA A 140 -11.84 -26.97 -14.49
CA ALA A 140 -13.10 -27.71 -14.47
C ALA A 140 -14.04 -27.17 -13.40
N SER A 141 -13.54 -26.25 -12.58
CA SER A 141 -14.33 -25.66 -11.52
C SER A 141 -15.09 -24.45 -12.03
N THR A 142 -16.23 -24.19 -11.39
CA THR A 142 -17.03 -23.03 -11.72
C THR A 142 -16.35 -21.80 -11.15
N ALA A 143 -15.52 -21.99 -10.13
CA ALA A 143 -14.81 -20.87 -9.53
C ALA A 143 -13.45 -20.60 -10.19
N TYR A 144 -13.23 -21.13 -11.40
CA TYR A 144 -11.95 -20.93 -12.08
C TYR A 144 -11.80 -19.50 -12.57
N ILE A 145 -10.66 -18.89 -12.27
CA ILE A 145 -10.26 -17.59 -12.81
C ILE A 145 -8.74 -17.53 -12.83
N PRO A 146 -8.16 -17.21 -14.00
CA PRO A 146 -6.71 -17.24 -14.23
C PRO A 146 -5.98 -16.03 -13.66
N GLU A 147 -4.77 -15.76 -14.16
CA GLU A 147 -3.96 -14.68 -13.63
C GLU A 147 -4.12 -13.41 -14.47
N GLY A 148 -3.72 -12.28 -13.89
CA GLY A 148 -3.76 -11.01 -14.59
C GLY A 148 -5.14 -10.38 -14.60
N GLU A 149 -6.13 -11.06 -14.02
CA GLU A 149 -7.46 -10.47 -13.91
C GLU A 149 -8.02 -10.61 -12.52
N GLY A 150 -9.15 -9.96 -12.27
CA GLY A 150 -9.73 -9.90 -10.94
C GLY A 150 -9.23 -8.63 -10.28
N ARG A 151 -10.14 -7.80 -9.79
CA ARG A 151 -9.74 -6.52 -9.22
C ARG A 151 -9.38 -6.62 -7.75
N TYR A 152 -10.19 -7.34 -6.98
CA TYR A 152 -9.95 -7.48 -5.55
C TYR A 152 -10.03 -8.92 -5.09
N TYR A 153 -9.75 -9.11 -3.81
CA TYR A 153 -10.00 -10.39 -3.16
C TYR A 153 -11.05 -10.18 -2.09
N TYR A 154 -12.29 -10.44 -2.44
CA TYR A 154 -13.40 -10.19 -1.52
C TYR A 154 -13.45 -11.31 -0.48
N ALA A 155 -13.96 -10.98 0.68
CA ALA A 155 -14.07 -11.97 1.75
C ALA A 155 -15.53 -12.38 1.86
N GLY A 156 -15.77 -13.51 2.51
CA GLY A 156 -17.12 -14.03 2.63
C GLY A 156 -17.70 -13.73 3.99
N GLY A 157 -16.96 -12.97 4.78
CA GLY A 157 -17.40 -12.61 6.11
C GLY A 157 -18.48 -11.54 6.09
N LEU A 158 -18.53 -10.78 4.99
CA LEU A 158 -19.56 -9.76 4.82
C LEU A 158 -19.95 -9.64 3.36
N SER A 159 -21.24 -9.70 3.10
CA SER A 159 -21.79 -9.58 1.75
C SER A 159 -23.26 -9.22 1.87
N GLY A 160 -23.76 -8.44 0.92
CA GLY A 160 -25.14 -8.01 0.97
C GLY A 160 -25.57 -7.17 -0.21
N GLY A 161 -26.65 -6.43 -0.03
CA GLY A 161 -27.20 -5.60 -1.07
C GLY A 161 -28.71 -5.63 -1.03
N CYS A 162 -29.35 -5.20 -2.10
CA CYS A 162 -30.80 -5.26 -2.21
C CYS A 162 -31.24 -6.72 -2.12
N THR A 163 -32.45 -6.95 -1.63
CA THR A 163 -32.96 -8.31 -1.47
C THR A 163 -32.99 -9.04 -2.80
N LYS A 164 -33.52 -8.38 -3.82
CA LYS A 164 -33.57 -8.95 -5.16
C LYS A 164 -32.19 -9.34 -5.66
N ALA A 165 -31.27 -8.36 -5.68
CA ALA A 165 -29.92 -8.57 -6.17
C ALA A 165 -29.15 -9.62 -5.36
N TYR A 166 -29.45 -9.72 -4.07
CA TYR A 166 -28.77 -10.69 -3.21
C TYR A 166 -29.35 -12.09 -3.31
N LEU A 167 -30.66 -12.19 -3.51
CA LEU A 167 -31.30 -13.50 -3.67
C LEU A 167 -30.84 -14.13 -4.97
N LYS A 168 -30.78 -13.32 -6.03
CA LYS A 168 -30.32 -13.80 -7.32
C LYS A 168 -28.89 -14.30 -7.15
N LEU A 169 -28.11 -13.61 -6.32
CA LEU A 169 -26.78 -14.09 -5.95
C LEU A 169 -26.87 -15.45 -5.32
N CYS A 170 -27.69 -15.54 -4.27
CA CYS A 170 -27.82 -16.77 -3.53
C CYS A 170 -28.21 -17.88 -4.48
N THR A 171 -29.13 -17.58 -5.40
CA THR A 171 -29.63 -18.57 -6.34
C THR A 171 -28.58 -18.96 -7.36
N THR A 172 -27.79 -17.98 -7.80
CA THR A 172 -26.72 -18.21 -8.77
C THR A 172 -25.68 -19.21 -8.27
N ILE A 173 -25.04 -18.88 -7.15
CA ILE A 173 -23.96 -19.70 -6.61
C ILE A 173 -24.45 -21.09 -6.21
N CYS A 174 -25.71 -21.19 -5.82
CA CYS A 174 -26.29 -22.48 -5.42
C CYS A 174 -26.15 -23.49 -6.54
N SER A 175 -26.37 -23.06 -7.77
CA SER A 175 -26.17 -23.93 -8.92
C SER A 175 -24.69 -24.24 -9.08
N TRP A 176 -23.86 -23.20 -9.01
CA TRP A 176 -22.43 -23.31 -9.24
C TRP A 176 -21.72 -24.35 -8.37
N VAL A 177 -22.15 -24.47 -7.12
CA VAL A 177 -21.60 -25.47 -6.22
C VAL A 177 -22.17 -26.84 -6.60
N ASP A 178 -23.47 -26.87 -6.86
CA ASP A 178 -24.17 -28.10 -7.23
C ASP A 178 -23.58 -28.68 -8.52
N ARG A 179 -23.27 -27.80 -9.47
CA ARG A 179 -22.68 -28.19 -10.74
C ARG A 179 -21.28 -28.77 -10.49
N ASP A 180 -20.56 -28.19 -9.55
CA ASP A 180 -19.27 -28.71 -9.15
C ASP A 180 -19.40 -30.10 -8.53
N ALA A 181 -20.43 -30.29 -7.72
CA ALA A 181 -20.68 -31.57 -7.06
C ALA A 181 -20.79 -32.74 -8.04
N THR A 182 -21.40 -32.52 -9.20
CA THR A 182 -21.51 -33.57 -10.19
C THR A 182 -20.16 -33.74 -10.92
N ASN A 183 -19.39 -32.66 -10.93
CA ASN A 183 -18.04 -32.68 -11.51
C ASN A 183 -16.99 -33.13 -10.49
N HIS A 184 -17.44 -33.45 -9.27
CA HIS A 184 -16.55 -33.92 -8.21
C HIS A 184 -15.40 -32.99 -7.88
N ILE A 185 -15.74 -31.74 -7.58
CA ILE A 185 -14.79 -30.74 -7.11
C ILE A 185 -15.32 -29.94 -5.95
N ILE A 186 -14.47 -29.62 -4.99
CA ILE A 186 -14.80 -28.69 -3.92
C ILE A 186 -13.82 -27.56 -3.97
N PRO A 187 -14.29 -26.33 -4.06
CA PRO A 187 -13.39 -25.22 -4.27
C PRO A 187 -12.55 -25.05 -3.05
N ILE A 188 -11.40 -24.46 -3.23
CA ILE A 188 -10.46 -24.34 -2.16
C ILE A 188 -11.01 -23.54 -1.01
N TRP A 189 -11.55 -22.37 -1.33
CA TRP A 189 -11.87 -21.34 -0.37
C TRP A 189 -13.26 -21.04 -0.76
N HIS A 190 -14.08 -21.96 -0.37
CA HIS A 190 -15.35 -22.23 -1.03
C HIS A 190 -16.31 -21.06 -1.03
N ASP A 191 -16.58 -20.48 0.14
CA ASP A 191 -17.43 -19.30 0.24
C ASP A 191 -16.95 -18.15 -0.64
N GLN A 192 -15.64 -18.00 -0.74
CA GLN A 192 -15.05 -16.82 -1.36
C GLN A 192 -14.78 -17.07 -2.83
N SER A 193 -14.13 -18.20 -3.11
CA SER A 193 -13.72 -18.55 -4.46
C SER A 193 -14.92 -18.48 -5.39
N LEU A 194 -16.08 -18.88 -4.88
CA LEU A 194 -17.32 -18.80 -5.64
C LEU A 194 -17.70 -17.34 -5.81
N ILE A 195 -17.77 -16.64 -4.69
CA ILE A 195 -18.17 -15.23 -4.64
C ILE A 195 -17.30 -14.31 -5.49
N ASN A 196 -15.99 -14.46 -5.39
CA ASN A 196 -15.06 -13.62 -6.13
C ASN A 196 -15.31 -13.63 -7.63
N LYS A 197 -15.72 -14.78 -8.16
CA LYS A 197 -16.15 -14.86 -9.55
C LYS A 197 -17.35 -13.98 -9.82
N TYR A 198 -18.34 -14.09 -8.95
CA TYR A 198 -19.59 -13.36 -9.11
C TYR A 198 -19.32 -11.87 -9.08
N PHE A 199 -18.47 -11.45 -8.14
CA PHE A 199 -18.09 -10.05 -8.05
C PHE A 199 -17.16 -9.67 -9.20
N LEU A 200 -16.62 -10.67 -9.90
CA LEU A 200 -15.89 -10.40 -11.13
C LEU A 200 -16.86 -10.21 -12.29
N ASP A 201 -17.86 -11.08 -12.40
CA ASP A 201 -18.88 -10.95 -13.46
C ASP A 201 -19.65 -9.67 -13.25
N ASN A 202 -20.12 -9.48 -12.02
CA ASN A 202 -20.85 -8.27 -11.65
C ASN A 202 -20.31 -7.66 -10.36
N PRO A 203 -19.34 -6.73 -10.49
CA PRO A 203 -18.71 -6.05 -9.36
C PRO A 203 -19.72 -5.27 -8.54
N PRO A 204 -19.66 -5.41 -7.21
CA PRO A 204 -20.65 -4.78 -6.33
C PRO A 204 -20.65 -3.27 -6.44
N ALA A 205 -21.76 -2.64 -6.06
CA ALA A 205 -21.87 -1.19 -6.07
C ALA A 205 -20.94 -0.59 -5.04
N ILE A 206 -20.66 -1.37 -4.00
CA ILE A 206 -19.82 -0.90 -2.91
C ILE A 206 -18.76 -1.93 -2.53
N THR A 207 -17.56 -1.44 -2.26
CA THR A 207 -16.47 -2.28 -1.78
C THR A 207 -15.99 -1.68 -0.47
N LEU A 208 -16.18 -2.42 0.62
CA LEU A 208 -15.92 -1.91 1.96
C LEU A 208 -14.48 -2.16 2.41
N SER A 209 -13.84 -1.10 2.90
CA SER A 209 -12.49 -1.20 3.45
C SER A 209 -12.46 -2.24 4.56
N PRO A 210 -11.28 -2.84 4.80
CA PRO A 210 -11.19 -3.88 5.83
C PRO A 210 -11.43 -3.37 7.25
N ALA A 211 -11.76 -2.09 7.40
CA ALA A 211 -12.18 -1.57 8.69
C ALA A 211 -13.47 -2.25 9.14
N TYR A 212 -14.23 -2.78 8.19
CA TYR A 212 -15.48 -3.49 8.48
C TYR A 212 -15.19 -4.96 8.70
N LEU A 213 -13.93 -5.34 8.52
CA LEU A 213 -13.44 -6.67 8.84
C LEU A 213 -12.10 -6.56 9.54
N TYR A 214 -12.12 -6.15 10.80
CA TYR A 214 -10.89 -5.85 11.51
C TYR A 214 -10.53 -7.01 12.41
N PRO A 215 -9.43 -7.70 12.07
CA PRO A 215 -8.95 -8.83 12.89
C PRO A 215 -8.40 -8.34 14.22
N GLU A 216 -8.70 -9.07 15.29
CA GLU A 216 -8.25 -8.68 16.61
C GLU A 216 -6.76 -8.90 16.78
N GLY A 217 -6.09 -7.94 17.41
CA GLY A 217 -4.67 -8.05 17.64
C GLY A 217 -3.86 -7.36 16.56
N TRP A 218 -4.48 -7.18 15.39
CA TRP A 218 -3.79 -6.58 14.25
C TRP A 218 -3.59 -5.08 14.36
N LEU A 219 -2.55 -4.61 13.67
CA LEU A 219 -2.26 -3.19 13.56
C LEU A 219 -2.49 -2.72 12.13
N LEU A 220 -3.65 -2.12 11.88
CA LEU A 220 -3.96 -1.66 10.53
C LEU A 220 -4.08 -0.14 10.49
N PRO A 221 -3.86 0.45 9.31
CA PRO A 221 -4.03 1.90 9.14
C PRO A 221 -5.49 2.30 9.09
N PHE A 222 -6.29 1.75 9.98
CA PHE A 222 -7.72 2.05 10.02
C PHE A 222 -8.21 2.20 11.45
N GLU A 223 -9.42 2.74 11.56
CA GLU A 223 -10.14 2.76 12.82
C GLU A 223 -11.10 1.58 12.83
N PRO A 224 -11.10 0.80 13.91
CA PRO A 224 -11.99 -0.37 14.01
C PRO A 224 -13.45 0.02 13.84
N ILE A 225 -14.18 -0.77 13.07
CA ILE A 225 -15.60 -0.53 12.86
C ILE A 225 -16.41 -1.81 13.10
N ILE A 226 -16.02 -2.87 12.40
CA ILE A 226 -16.54 -4.20 12.68
C ILE A 226 -15.34 -5.13 12.84
N LEU A 227 -15.41 -6.00 13.84
CA LEU A 227 -14.22 -6.71 14.30
C LEU A 227 -14.39 -8.22 14.21
N ILE A 228 -13.26 -8.90 14.04
CA ILE A 228 -13.25 -10.35 13.94
C ILE A 228 -12.66 -10.94 15.21
N ARG A 229 -13.49 -11.58 16.02
CA ARG A 229 -13.02 -12.15 17.26
C ARG A 229 -12.03 -13.25 16.92
N ASP A 230 -10.97 -13.35 17.72
CA ASP A 230 -9.93 -14.34 17.48
C ASP A 230 -10.34 -15.70 18.02
N LYS A 231 -10.40 -16.69 17.14
CA LYS A 231 -10.89 -18.02 17.50
C LYS A 231 -9.92 -18.85 18.33
N ASN A 232 -8.63 -18.54 18.26
CA ASN A 232 -7.65 -19.34 18.97
C ASN A 232 -7.48 -18.89 20.42
N LYS A 233 -8.40 -18.05 20.87
CA LYS A 233 -8.46 -17.67 22.28
C LYS A 233 -8.89 -18.90 23.08
N PRO A 234 -8.45 -19.01 24.34
CA PRO A 234 -8.77 -20.26 25.07
C PRO A 234 -10.25 -20.44 25.35
N GLN A 235 -11.01 -19.36 25.30
CA GLN A 235 -12.46 -19.44 25.41
C GLN A 235 -13.10 -20.19 24.25
N TYR A 236 -12.57 -20.02 23.04
CA TYR A 236 -13.22 -20.72 21.95
C TYR A 236 -12.53 -21.98 21.47
N GLY A 237 -11.24 -21.92 21.26
CA GLY A 237 -10.46 -23.10 20.95
C GLY A 237 -10.78 -23.14 19.49
N GLY A 238 -9.87 -23.53 18.64
CA GLY A 238 -10.15 -23.36 17.23
C GLY A 238 -11.30 -24.21 16.87
N HIS A 239 -11.51 -25.24 17.67
CA HIS A 239 -12.25 -26.41 17.23
C HIS A 239 -13.65 -26.63 17.69
N GLU A 240 -14.53 -26.38 16.74
CA GLU A 240 -15.92 -26.70 16.90
C GLU A 240 -16.39 -27.55 15.77
N LEU A 241 -16.85 -28.74 16.11
CA LEU A 241 -17.33 -29.71 15.12
C LEU A 241 -18.07 -30.86 15.79
N MET B 1 7.94 13.13 35.79
CA MET B 1 7.66 14.55 35.62
C MET B 1 6.31 14.81 34.97
N ARG B 2 5.89 16.08 34.96
CA ARG B 2 4.57 16.48 34.50
C ARG B 2 4.51 16.88 33.02
N ILE B 3 3.69 16.19 32.25
CA ILE B 3 3.61 16.41 30.81
C ILE B 3 2.34 17.16 30.42
N GLY B 4 2.52 18.24 29.67
CA GLY B 4 1.41 19.04 29.20
C GLY B 4 1.04 18.68 27.78
N ILE B 5 -0.26 18.56 27.53
CA ILE B 5 -0.72 18.24 26.19
C ILE B 5 -1.60 19.36 25.69
N LEU B 6 -1.09 20.08 24.70
CA LEU B 6 -1.81 21.18 24.08
C LEU B 6 -2.78 20.59 23.07
N TYR B 7 -4.00 21.12 23.04
CA TYR B 7 -4.99 20.60 22.12
C TYR B 7 -5.94 21.73 21.76
N ILE B 8 -6.11 22.01 20.48
CA ILE B 8 -6.99 23.07 20.08
C ILE B 8 -8.19 22.47 19.38
N CYS B 9 -9.36 22.94 19.76
CA CYS B 9 -10.57 22.34 19.25
C CYS B 9 -11.79 23.28 19.25
N THR B 10 -12.12 23.86 18.11
CA THR B 10 -13.26 24.78 18.06
C THR B 10 -14.26 24.33 17.00
N GLY B 11 -15.44 24.94 17.03
CA GLY B 11 -16.48 24.64 16.07
C GLY B 11 -17.02 23.23 16.17
N LYS B 12 -16.89 22.47 15.10
CA LYS B 12 -17.44 21.12 15.06
C LYS B 12 -16.40 20.07 15.40
N TYR B 13 -15.18 20.50 15.66
CA TYR B 13 -14.11 19.54 15.95
C TYR B 13 -14.14 18.98 17.38
N ASP B 14 -15.20 19.25 18.14
CA ASP B 14 -15.22 18.89 19.56
C ASP B 14 -15.57 17.42 19.78
N ILE B 15 -15.96 16.75 18.70
CA ILE B 15 -16.27 15.34 18.71
C ILE B 15 -15.00 14.51 18.75
N PHE B 16 -13.88 15.11 18.37
CA PHE B 16 -12.61 14.40 18.25
C PHE B 16 -12.03 14.18 19.65
N TRP B 17 -12.42 15.04 20.58
CA TRP B 17 -11.89 15.01 21.94
C TRP B 17 -12.27 13.72 22.65
N LYS B 18 -13.46 13.20 22.35
CA LYS B 18 -14.03 12.07 23.07
C LYS B 18 -13.09 10.87 22.95
N ASP B 19 -13.03 10.26 21.77
CA ASP B 19 -12.22 9.06 21.54
C ASP B 19 -10.71 9.28 21.69
N PHE B 20 -10.26 10.52 21.46
CA PHE B 20 -8.85 10.87 21.60
C PHE B 20 -8.44 10.84 23.06
N TYR B 21 -9.27 11.46 23.90
CA TYR B 21 -9.02 11.50 25.34
C TYR B 21 -8.88 10.10 25.94
N LEU B 22 -9.78 9.21 25.55
CA LEU B 22 -9.75 7.83 26.02
C LEU B 22 -8.45 7.17 25.60
N SER B 23 -8.10 7.34 24.33
CA SER B 23 -6.85 6.78 23.80
C SER B 23 -5.66 7.41 24.50
N ALA B 24 -5.78 8.70 24.77
CA ALA B 24 -4.72 9.45 25.45
C ALA B 24 -4.52 8.88 26.85
N GLU B 25 -5.61 8.70 27.57
CA GLU B 25 -5.53 8.15 28.89
C GLU B 25 -5.11 6.70 28.90
N ARG B 26 -5.65 5.94 27.98
CA ARG B 26 -5.31 4.55 27.88
C ARG B 26 -3.90 4.21 27.44
N TYR B 27 -3.39 4.87 26.42
CA TYR B 27 -2.09 4.55 25.85
C TYR B 27 -0.94 5.51 26.12
N PHE B 28 -1.21 6.70 26.61
CA PHE B 28 -0.20 7.73 26.53
C PHE B 28 0.53 7.96 27.81
N MET B 29 1.83 7.73 27.81
CA MET B 29 2.58 8.15 28.94
C MET B 29 2.04 7.65 30.27
N GLN B 30 2.07 6.35 30.51
CA GLN B 30 1.58 5.96 31.80
C GLN B 30 2.55 5.51 32.91
N ASP B 31 3.83 5.84 32.78
CA ASP B 31 4.74 5.51 33.84
C ASP B 31 4.14 6.18 35.00
N GLN B 32 4.23 5.56 36.15
CA GLN B 32 3.71 6.18 37.37
C GLN B 32 4.03 7.61 37.63
N SER B 33 5.30 7.93 37.47
CA SER B 33 5.80 9.24 37.80
C SER B 33 5.45 10.44 36.86
N PHE B 34 4.86 10.01 35.76
CA PHE B 34 4.35 10.95 34.81
C PHE B 34 3.04 11.39 35.38
N ILE B 35 2.71 12.64 35.12
CA ILE B 35 1.39 13.19 35.37
C ILE B 35 1.07 14.01 34.12
N ILE B 36 -0.16 13.90 33.63
CA ILE B 36 -0.52 14.55 32.39
C ILE B 36 -1.47 15.72 32.67
N GLU B 37 -1.32 16.80 31.91
CA GLU B 37 -2.16 17.98 32.06
C GLU B 37 -2.66 18.41 30.69
N TYR B 38 -3.97 18.26 30.49
CA TYR B 38 -4.57 18.56 29.20
C TYR B 38 -4.97 20.03 29.11
N TYR B 39 -4.51 20.70 28.07
CA TYR B 39 -4.90 22.09 27.83
C TYR B 39 -5.70 22.20 26.55
N VAL B 40 -7.00 22.07 26.67
CA VAL B 40 -7.85 22.13 25.50
C VAL B 40 -8.37 23.55 25.35
N PHE B 41 -8.33 24.06 24.12
CA PHE B 41 -8.81 25.40 23.85
C PHE B 41 -10.06 25.28 22.99
N THR B 42 -11.20 25.64 23.56
CA THR B 42 -12.47 25.43 22.91
C THR B 42 -13.48 26.49 23.30
N ASP B 43 -14.50 26.64 22.46
CA ASP B 43 -15.63 27.49 22.75
C ASP B 43 -16.64 26.75 23.62
N SER B 44 -16.78 25.46 23.37
CA SER B 44 -17.87 24.64 23.83
C SER B 44 -17.93 24.61 25.32
N PRO B 45 -19.14 24.52 25.81
CA PRO B 45 -19.44 24.74 27.21
C PRO B 45 -18.79 23.75 28.09
N LYS B 46 -18.86 22.49 27.68
CA LYS B 46 -18.54 21.35 28.53
C LYS B 46 -17.57 20.43 27.86
N LEU B 47 -16.85 19.66 28.64
CA LEU B 47 -15.92 18.74 28.02
C LEU B 47 -15.98 17.32 28.53
N TYR B 48 -15.83 16.37 27.64
CA TYR B 48 -16.00 15.04 28.08
C TYR B 48 -15.06 14.83 29.22
N ASP B 49 -15.55 14.20 30.27
CA ASP B 49 -14.78 13.69 31.38
C ASP B 49 -14.17 14.71 32.26
N GLU B 50 -14.68 15.91 32.14
CA GLU B 50 -14.14 17.12 32.77
C GLU B 50 -14.58 17.19 34.22
N GLU B 51 -15.82 16.76 34.45
CA GLU B 51 -16.46 16.80 35.75
C GLU B 51 -15.79 15.87 36.76
N ASN B 52 -15.23 14.78 36.23
CA ASN B 52 -14.54 13.79 37.04
C ASN B 52 -13.07 14.11 37.23
N ASN B 53 -12.37 14.31 36.11
CA ASN B 53 -10.95 14.58 36.10
C ASN B 53 -10.64 16.07 36.25
N LYS B 54 -9.66 16.40 37.09
CA LYS B 54 -9.32 17.81 37.33
C LYS B 54 -8.23 18.24 36.36
N HIS B 55 -7.49 17.26 35.85
CA HIS B 55 -6.38 17.52 34.92
C HIS B 55 -6.86 18.11 33.60
N ILE B 56 -8.10 17.84 33.23
CA ILE B 56 -8.65 18.44 32.04
C ILE B 56 -8.80 19.92 32.35
N HIS B 57 -8.10 20.74 31.58
CA HIS B 57 -8.20 22.18 31.76
C HIS B 57 -8.80 22.75 30.50
N ARG B 58 -10.00 23.28 30.64
CA ARG B 58 -10.72 23.86 29.54
C ARG B 58 -10.46 25.35 29.44
N ILE B 59 -10.01 25.78 28.28
CA ILE B 59 -9.77 27.20 28.04
C ILE B 59 -10.75 27.72 27.01
N LYS B 60 -11.54 28.72 27.42
CA LYS B 60 -12.55 29.28 26.54
C LYS B 60 -11.82 29.96 25.41
N GLN B 61 -12.31 29.79 24.18
CA GLN B 61 -11.67 30.38 23.03
C GLN B 61 -12.69 30.34 21.90
N LYS B 62 -12.87 31.46 21.20
CA LYS B 62 -13.92 31.52 20.19
C LYS B 62 -13.40 30.90 18.91
N ASN B 63 -14.28 30.78 17.92
CA ASN B 63 -13.88 30.27 16.62
C ASN B 63 -13.33 31.42 15.79
N LEU B 64 -12.12 31.26 15.26
CA LEU B 64 -11.52 32.31 14.47
C LEU B 64 -11.53 31.97 12.99
N GLY B 65 -11.89 30.73 12.66
CA GLY B 65 -11.98 30.33 11.27
C GLY B 65 -10.64 30.34 10.56
N TRP B 66 -10.65 29.94 9.29
CA TRP B 66 -9.45 29.98 8.47
C TRP B 66 -9.08 31.42 8.13
N PRO B 67 -7.78 31.75 8.13
CA PRO B 67 -6.67 30.88 8.50
C PRO B 67 -6.20 31.09 9.93
N ASP B 68 -6.88 31.96 10.68
CA ASP B 68 -6.42 32.36 12.01
C ASP B 68 -6.38 31.19 12.99
N ASN B 69 -7.21 30.18 12.77
CA ASN B 69 -7.28 29.06 13.71
C ASN B 69 -6.02 28.21 13.69
N THR B 70 -5.32 28.23 12.57
CA THR B 70 -4.10 27.44 12.42
C THR B 70 -2.86 28.30 12.30
N LEU B 71 -3.05 29.55 11.88
CA LEU B 71 -1.93 30.47 11.78
C LEU B 71 -1.41 30.91 13.15
N LYS B 72 -2.28 31.48 13.96
CA LYS B 72 -1.88 32.00 15.27
C LYS B 72 -2.16 31.02 16.42
N ARG B 73 -1.97 29.72 16.19
CA ARG B 73 -2.08 28.75 17.27
C ARG B 73 -1.02 29.04 18.32
N PHE B 74 0.12 29.57 17.87
CA PHE B 74 1.24 29.78 18.75
C PHE B 74 0.98 30.98 19.65
N HIS B 75 0.11 31.88 19.20
CA HIS B 75 -0.31 32.96 20.07
C HIS B 75 -1.38 32.45 21.06
N ILE B 76 -2.05 31.36 20.71
CA ILE B 76 -3.10 30.78 21.57
C ILE B 76 -2.52 29.96 22.74
N PHE B 77 -1.40 29.24 22.51
CA PHE B 77 -0.75 28.47 23.60
C PHE B 77 -0.12 29.51 24.44
N LEU B 78 -0.05 30.72 23.91
CA LEU B 78 0.68 31.85 24.51
C LEU B 78 -0.31 32.76 25.33
N ARG B 79 -1.64 32.54 25.25
CA ARG B 79 -2.50 33.35 26.12
C ARG B 79 -2.33 33.03 27.60
N ILE B 80 -1.95 31.80 27.92
CA ILE B 80 -1.81 31.35 29.32
C ILE B 80 -0.38 30.98 29.73
N LYS B 81 0.60 31.69 29.15
CA LYS B 81 2.04 31.38 29.29
C LYS B 81 2.44 30.90 30.71
N GLU B 82 2.12 31.72 31.70
CA GLU B 82 2.59 31.55 33.09
C GLU B 82 2.23 30.20 33.71
N GLN B 83 1.15 29.58 33.27
CA GLN B 83 0.75 28.30 33.85
C GLN B 83 1.75 27.19 33.52
N LEU B 84 2.32 27.27 32.32
CA LEU B 84 3.07 26.16 31.73
C LEU B 84 4.48 25.97 32.30
N GLU B 85 4.93 26.91 33.13
CA GLU B 85 6.28 26.81 33.67
C GLU B 85 6.26 26.12 35.03
N ARG B 86 5.14 26.26 35.74
CA ARG B 86 5.03 25.71 37.08
C ARG B 86 4.45 24.30 37.14
N GLU B 87 3.57 23.97 36.20
CA GLU B 87 2.91 22.68 36.23
C GLU B 87 3.34 21.76 35.10
N THR B 88 4.18 22.25 34.20
CA THR B 88 4.67 21.40 33.11
C THR B 88 6.17 21.53 32.97
N ASP B 89 6.80 20.48 32.45
CA ASP B 89 8.22 20.47 32.16
C ASP B 89 8.43 20.16 30.69
N TYR B 90 7.61 19.23 30.19
CA TYR B 90 7.65 18.86 28.78
C TYR B 90 6.33 19.25 28.13
N LEU B 91 6.39 19.64 26.86
CA LEU B 91 5.19 20.03 26.15
C LEU B 91 5.03 19.29 24.84
N PHE B 92 3.78 19.16 24.39
CA PHE B 92 3.47 18.53 23.12
C PHE B 92 2.18 19.12 22.56
N PHE B 93 2.09 19.15 21.24
CA PHE B 93 0.86 19.55 20.59
C PHE B 93 0.37 18.44 19.69
N PHE B 94 -0.91 18.11 19.82
CA PHE B 94 -1.50 17.10 18.96
C PHE B 94 -2.64 17.69 18.17
N ASN B 95 -2.70 17.37 16.89
CA ASN B 95 -3.81 17.79 16.05
C ASN B 95 -5.10 17.20 16.62
N ALA B 96 -6.25 17.83 16.36
CA ALA B 96 -7.49 17.40 16.98
C ALA B 96 -7.94 16.01 16.56
N ASN B 97 -7.77 15.67 15.29
CA ASN B 97 -8.24 14.41 14.76
C ASN B 97 -7.22 13.29 14.91
N LEU B 98 -6.33 13.43 15.89
CA LEU B 98 -5.33 12.39 16.16
C LEU B 98 -5.91 11.27 17.00
N LEU B 99 -5.22 10.14 17.02
CA LEU B 99 -5.67 8.99 17.80
C LEU B 99 -4.51 8.06 18.14
N PHE B 100 -4.60 7.42 19.30
CA PHE B 100 -3.52 6.55 19.77
C PHE B 100 -3.90 5.10 19.51
N THR B 101 -2.89 4.27 19.26
CA THR B 101 -3.09 2.87 18.92
C THR B 101 -2.12 1.96 19.67
N SER B 102 -0.93 2.49 19.92
CA SER B 102 0.11 1.74 20.61
C SER B 102 0.72 2.58 21.72
N PRO B 103 1.15 1.94 22.82
CA PRO B 103 1.65 2.65 24.00
C PRO B 103 2.86 3.53 23.70
N ILE B 104 2.99 4.63 24.44
CA ILE B 104 4.11 5.55 24.26
C ILE B 104 4.87 5.67 25.57
N GLY B 105 6.19 5.77 25.49
CA GLY B 105 7.00 5.92 26.69
C GLY B 105 8.01 7.04 26.60
N LYS B 106 9.17 6.82 27.20
CA LYS B 106 10.18 7.85 27.37
C LYS B 106 11.02 8.06 26.11
N GLU B 107 10.81 7.19 25.13
CA GLU B 107 11.61 7.16 23.92
C GLU B 107 11.47 8.44 23.08
N ILE B 108 10.40 9.17 23.32
CA ILE B 108 10.09 10.38 22.55
C ILE B 108 10.44 11.63 23.34
N LEU B 109 10.92 11.44 24.56
CA LEU B 109 11.31 12.56 25.42
C LEU B 109 12.70 13.07 25.09
N PRO B 110 12.80 14.35 24.69
CA PRO B 110 14.13 14.88 24.37
C PRO B 110 15.04 14.83 25.60
N PRO B 111 16.28 14.38 25.42
CA PRO B 111 17.29 14.35 26.48
C PRO B 111 17.53 15.73 27.09
N SER B 112 17.87 15.76 28.37
CA SER B 112 18.10 17.02 29.07
C SER B 112 19.42 17.62 28.59
N ASP B 113 20.27 16.74 28.07
CA ASP B 113 21.60 17.14 27.59
C ASP B 113 21.55 17.92 26.29
N SER B 114 20.51 17.71 25.49
CA SER B 114 20.37 18.42 24.22
C SER B 114 19.53 19.69 24.33
N ASN B 115 19.05 20.16 23.18
CA ASN B 115 18.26 21.38 23.10
C ASN B 115 16.90 21.20 23.77
N GLY B 116 16.34 20.02 23.62
CA GLY B 116 15.05 19.71 24.22
C GLY B 116 13.93 19.96 23.24
N LEU B 117 14.14 19.55 21.99
CA LEU B 117 13.14 19.76 20.95
C LEU B 117 12.80 18.44 20.25
N LEU B 118 11.61 18.40 19.67
CA LEU B 118 11.13 17.23 18.94
C LEU B 118 10.34 17.63 17.71
N GLY B 119 10.54 16.89 16.62
CA GLY B 119 9.76 17.13 15.42
C GLY B 119 9.32 15.81 14.82
N THR B 120 8.35 15.86 13.93
CA THR B 120 7.88 14.65 13.27
C THR B 120 7.78 14.88 11.77
N MET B 121 8.28 13.90 11.02
CA MET B 121 8.27 13.93 9.57
C MET B 121 6.83 13.93 9.03
N HIS B 122 6.66 14.47 7.83
CA HIS B 122 5.34 14.51 7.21
C HIS B 122 5.12 13.17 6.51
N PRO B 123 3.90 12.61 6.62
CA PRO B 123 3.61 11.27 6.11
C PRO B 123 3.82 11.09 4.60
N GLY B 124 3.74 12.17 3.84
CA GLY B 124 3.85 12.07 2.40
C GLY B 124 5.25 12.32 1.89
N PHE B 125 6.13 12.80 2.75
CA PHE B 125 7.46 13.23 2.33
C PHE B 125 8.60 12.49 3.04
N TYR B 126 8.39 11.21 3.34
CA TYR B 126 9.45 10.42 3.95
C TYR B 126 10.37 9.77 2.90
N ASN B 127 9.81 9.51 1.73
CA ASN B 127 10.55 8.89 0.63
C ASN B 127 10.92 9.86 -0.49
N LYS B 128 10.95 11.15 -0.18
CA LYS B 128 11.10 12.17 -1.22
C LYS B 128 12.44 12.88 -1.14
N PRO B 129 12.86 13.48 -2.27
CA PRO B 129 14.11 14.24 -2.27
C PRO B 129 13.87 15.71 -1.99
N ASN B 130 14.94 16.49 -1.89
CA ASN B 130 14.84 17.90 -1.56
C ASN B 130 14.02 18.64 -2.61
N SER B 131 14.14 18.21 -3.86
CA SER B 131 13.51 18.89 -4.99
C SER B 131 11.99 19.10 -4.88
N GLU B 132 11.31 18.27 -4.09
CA GLU B 132 9.86 18.36 -4.03
C GLU B 132 9.38 18.85 -2.67
N PHE B 133 10.30 19.25 -1.81
CA PHE B 133 9.88 19.78 -0.52
C PHE B 133 9.12 21.08 -0.73
N THR B 134 8.03 21.25 -0.01
CA THR B 134 7.23 22.45 -0.16
C THR B 134 7.46 23.41 1.00
N TYR B 135 8.69 23.90 1.11
CA TYR B 135 9.03 24.96 2.05
C TYR B 135 8.56 26.29 1.49
N GLU B 136 9.06 27.36 2.09
CA GLU B 136 8.84 28.71 1.58
C GLU B 136 10.07 29.19 0.86
N ARG B 137 9.88 29.73 -0.35
CA ARG B 137 11.00 30.03 -1.23
C ARG B 137 11.11 31.51 -1.55
N ARG B 138 10.36 32.35 -0.84
CA ARG B 138 10.43 33.79 -1.04
C ARG B 138 11.32 34.48 -0.02
N ASP B 139 12.18 35.36 -0.49
CA ASP B 139 13.19 36.00 0.35
C ASP B 139 12.56 36.87 1.43
N ALA B 140 11.48 37.55 1.08
CA ALA B 140 10.85 38.50 2.00
C ALA B 140 10.16 37.81 3.16
N SER B 141 10.03 36.49 3.10
CA SER B 141 9.39 35.74 4.17
C SER B 141 10.41 35.33 5.22
N THR B 142 9.95 35.23 6.47
CA THR B 142 10.79 34.78 7.56
C THR B 142 10.95 33.27 7.49
N ALA B 143 9.99 32.63 6.85
CA ALA B 143 9.99 31.18 6.73
C ALA B 143 10.78 30.78 5.48
N TYR B 144 11.61 31.68 5.00
CA TYR B 144 12.37 31.40 3.80
C TYR B 144 13.42 30.35 4.10
N ILE B 145 13.59 29.45 3.15
CA ILE B 145 14.66 28.49 3.16
C ILE B 145 14.99 28.27 1.69
N PRO B 146 16.28 28.41 1.35
CA PRO B 146 16.61 28.35 -0.07
C PRO B 146 16.60 26.92 -0.59
N GLU B 147 17.29 26.70 -1.70
CA GLU B 147 17.27 25.40 -2.32
C GLU B 147 18.48 24.61 -1.86
N GLY B 148 18.43 23.30 -2.02
CA GLY B 148 19.56 22.45 -1.69
C GLY B 148 19.76 22.18 -0.21
N GLU B 149 18.89 22.74 0.64
CA GLU B 149 19.05 22.50 2.07
C GLU B 149 17.77 22.05 2.77
N GLY B 150 17.93 21.67 4.04
CA GLY B 150 16.85 21.07 4.81
C GLY B 150 17.02 19.56 4.74
N ARG B 151 17.07 18.91 5.90
CA ARG B 151 17.31 17.48 5.95
C ARG B 151 15.99 16.71 5.84
N TYR B 152 14.97 17.20 6.53
CA TYR B 152 13.66 16.56 6.52
C TYR B 152 12.56 17.57 6.23
N TYR B 153 11.34 17.08 6.08
CA TYR B 153 10.17 17.95 5.99
C TYR B 153 9.23 17.67 7.15
N TYR B 154 9.35 18.47 8.20
CA TYR B 154 8.58 18.26 9.41
C TYR B 154 7.15 18.76 9.22
N ALA B 155 6.22 18.17 9.96
CA ALA B 155 4.82 18.55 9.85
C ALA B 155 4.39 19.36 11.07
N GLY B 156 3.28 20.07 10.96
CA GLY B 156 2.81 20.92 12.03
C GLY B 156 1.69 20.31 12.83
N GLY B 157 1.34 19.06 12.51
CA GLY B 157 0.30 18.36 13.23
C GLY B 157 0.76 17.90 14.61
N LEU B 158 2.07 17.75 14.78
CA LEU B 158 2.65 17.36 16.06
C LEU B 158 4.01 18.02 16.27
N SER B 159 4.21 18.60 17.43
CA SER B 159 5.46 19.25 17.79
C SER B 159 5.57 19.38 19.30
N GLY B 160 6.79 19.30 19.82
CA GLY B 160 6.99 19.38 21.26
C GLY B 160 8.44 19.40 21.71
N GLY B 161 8.64 19.11 22.99
CA GLY B 161 9.96 19.14 23.59
C GLY B 161 9.88 19.73 24.99
N CYS B 162 11.01 20.15 25.53
CA CYS B 162 11.04 20.82 26.82
C CYS B 162 10.19 22.08 26.80
N THR B 163 9.68 22.47 27.97
CA THR B 163 8.79 23.64 28.07
C THR B 163 9.48 24.90 27.57
N LYS B 164 10.71 25.13 28.03
CA LYS B 164 11.49 26.28 27.62
C LYS B 164 11.64 26.31 26.10
N ALA B 165 12.18 25.23 25.56
CA ALA B 165 12.44 25.12 24.14
C ALA B 165 11.17 25.23 23.30
N TYR B 166 10.03 24.78 23.84
CA TYR B 166 8.80 24.86 23.08
C TYR B 166 8.19 26.26 23.18
N LEU B 167 8.33 26.87 24.35
CA LEU B 167 7.83 28.24 24.53
C LEU B 167 8.71 29.16 23.70
N LYS B 168 10.03 28.91 23.77
CA LYS B 168 10.99 29.67 22.98
C LYS B 168 10.70 29.49 21.50
N LEU B 169 10.33 28.27 21.12
CA LEU B 169 9.90 27.99 19.75
C LEU B 169 8.66 28.82 19.49
N CYS B 170 7.67 28.66 20.36
CA CYS B 170 6.37 29.31 20.23
C CYS B 170 6.49 30.83 20.14
N THR B 171 7.33 31.43 20.98
CA THR B 171 7.44 32.89 21.00
C THR B 171 8.16 33.38 19.75
N THR B 172 9.14 32.61 19.28
CA THR B 172 9.88 32.94 18.06
C THR B 172 8.90 33.05 16.90
N ILE B 173 8.21 31.93 16.64
CA ILE B 173 7.29 31.84 15.51
C ILE B 173 6.13 32.84 15.68
N CYS B 174 5.80 33.13 16.95
CA CYS B 174 4.74 34.09 17.25
C CYS B 174 5.03 35.47 16.66
N SER B 175 6.28 35.90 16.76
CA SER B 175 6.69 37.17 16.17
C SER B 175 6.71 37.11 14.65
N TRP B 176 7.33 36.05 14.13
CA TRP B 176 7.57 35.87 12.70
C TRP B 176 6.33 36.03 11.84
N VAL B 177 5.16 35.66 12.35
CA VAL B 177 3.92 35.84 11.60
C VAL B 177 3.53 37.33 11.60
N ASP B 178 3.62 38.00 12.75
CA ASP B 178 3.33 39.43 12.78
C ASP B 178 4.34 40.26 11.99
N ARG B 179 5.62 39.87 12.05
CA ARG B 179 6.67 40.53 11.28
C ARG B 179 6.35 40.37 9.80
N ASP B 180 5.85 39.18 9.51
CA ASP B 180 5.31 38.77 8.24
C ASP B 180 4.08 39.61 7.89
N ALA B 181 3.19 39.78 8.87
CA ALA B 181 1.99 40.59 8.72
C ALA B 181 2.30 42.05 8.35
N THR B 182 3.42 42.56 8.86
CA THR B 182 3.83 43.94 8.59
C THR B 182 4.35 44.05 7.17
N ASN B 183 4.88 42.95 6.64
CA ASN B 183 5.29 42.92 5.24
C ASN B 183 4.09 42.50 4.39
N HIS B 184 2.98 42.23 5.07
CA HIS B 184 1.72 41.87 4.42
C HIS B 184 1.89 40.69 3.49
N ILE B 185 2.46 39.63 4.01
CA ILE B 185 2.71 38.41 3.24
C ILE B 185 2.30 37.27 4.15
N ILE B 186 2.03 36.08 3.63
CA ILE B 186 1.79 34.90 4.48
C ILE B 186 2.57 33.71 3.96
N PRO B 187 3.36 33.04 4.81
CA PRO B 187 4.09 31.86 4.34
C PRO B 187 3.12 30.77 3.88
N ILE B 188 3.46 30.07 2.81
CA ILE B 188 2.58 29.03 2.28
C ILE B 188 2.53 27.89 3.28
N TRP B 189 1.36 27.24 3.40
CA TRP B 189 1.14 26.20 4.40
C TRP B 189 1.81 26.60 5.72
N HIS B 190 1.32 27.66 6.34
CA HIS B 190 2.02 28.37 7.41
C HIS B 190 2.46 27.43 8.54
N ASP B 191 1.52 26.59 8.96
CA ASP B 191 1.70 25.64 10.05
C ASP B 191 2.95 24.77 9.98
N GLN B 192 3.28 24.31 8.77
CA GLN B 192 4.36 23.36 8.61
C GLN B 192 5.61 24.12 8.17
N SER B 193 5.44 24.98 7.17
CA SER B 193 6.54 25.70 6.54
C SER B 193 7.40 26.50 7.52
N LEU B 194 6.76 27.07 8.54
CA LEU B 194 7.44 27.87 9.55
C LEU B 194 8.32 26.98 10.39
N ILE B 195 7.68 25.92 10.88
CA ILE B 195 8.28 24.94 11.76
C ILE B 195 9.59 24.37 11.17
N ASN B 196 9.57 24.04 9.88
CA ASN B 196 10.76 23.54 9.20
C ASN B 196 11.97 24.47 9.28
N LYS B 197 11.72 25.78 9.21
CA LYS B 197 12.79 26.78 9.38
C LYS B 197 13.43 26.72 10.75
N TYR B 198 12.61 26.65 11.79
CA TYR B 198 13.13 26.65 13.14
C TYR B 198 13.98 25.41 13.32
N PHE B 199 13.50 24.28 12.79
CA PHE B 199 14.23 23.03 12.90
C PHE B 199 15.41 23.01 11.94
N LEU B 200 15.39 23.91 10.96
CA LEU B 200 16.53 24.11 10.10
C LEU B 200 17.56 24.91 10.87
N ASP B 201 17.06 25.93 11.58
CA ASP B 201 17.88 26.74 12.47
C ASP B 201 18.36 25.92 13.65
N ASN B 202 17.43 25.20 14.26
CA ASN B 202 17.74 24.40 15.45
C ASN B 202 17.26 22.96 15.32
N PRO B 203 18.13 22.07 14.83
CA PRO B 203 17.75 20.65 14.66
C PRO B 203 17.39 19.97 15.98
N PRO B 204 16.23 19.29 16.03
CA PRO B 204 15.73 18.64 17.24
C PRO B 204 16.64 17.52 17.76
N ALA B 205 16.51 17.20 19.04
CA ALA B 205 17.28 16.09 19.60
C ALA B 205 16.75 14.79 19.02
N ILE B 206 15.46 14.76 18.72
CA ILE B 206 14.83 13.56 18.15
C ILE B 206 13.89 13.90 17.00
N THR B 207 13.87 13.02 15.99
CA THR B 207 12.99 13.20 14.84
C THR B 207 12.09 11.98 14.65
N LEU B 208 10.78 12.20 14.75
CA LEU B 208 9.81 11.10 14.74
C LEU B 208 9.37 10.73 13.33
N SER B 209 9.42 9.44 13.04
CA SER B 209 8.91 8.93 11.77
C SER B 209 7.45 9.31 11.66
N PRO B 210 6.94 9.51 10.44
CA PRO B 210 5.55 9.92 10.24
C PRO B 210 4.54 8.84 10.62
N ALA B 211 5.01 7.72 11.18
CA ALA B 211 4.13 6.73 11.76
C ALA B 211 3.32 7.36 12.88
N TYR B 212 3.84 8.45 13.42
CA TYR B 212 3.19 9.19 14.50
C TYR B 212 2.24 10.26 13.93
N LEU B 213 2.23 10.40 12.61
CA LEU B 213 1.25 11.21 11.90
C LEU B 213 0.75 10.44 10.69
N TYR B 214 -0.01 9.38 10.96
CA TYR B 214 -0.44 8.44 9.94
C TYR B 214 -1.90 8.65 9.57
N PRO B 215 -2.14 9.07 8.33
CA PRO B 215 -3.50 9.28 7.81
C PRO B 215 -4.24 7.95 7.69
N GLU B 216 -5.51 7.93 8.03
CA GLU B 216 -6.28 6.70 7.97
C GLU B 216 -6.54 6.33 6.52
N GLY B 217 -6.43 5.05 6.19
CA GLY B 217 -6.65 4.59 4.84
C GLY B 217 -5.38 4.49 4.01
N TRP B 218 -4.34 5.21 4.43
CA TRP B 218 -3.09 5.21 3.68
C TRP B 218 -2.33 3.90 3.84
N LEU B 219 -1.55 3.55 2.83
CA LEU B 219 -0.65 2.42 2.91
C LEU B 219 0.76 2.97 2.90
N LEU B 220 1.33 3.10 4.09
CA LEU B 220 2.65 3.68 4.23
C LEU B 220 3.62 2.64 4.75
N PRO B 221 4.93 2.86 4.51
CA PRO B 221 5.96 1.93 5.00
C PRO B 221 6.17 2.00 6.51
N PHE B 222 5.11 2.02 7.29
CA PHE B 222 5.24 2.14 8.73
C PHE B 222 4.25 1.25 9.46
N GLU B 223 4.49 1.07 10.75
CA GLU B 223 3.48 0.45 11.59
C GLU B 223 2.77 1.63 12.25
N PRO B 224 1.44 1.70 12.12
CA PRO B 224 0.71 2.80 12.74
C PRO B 224 0.94 2.84 14.25
N ILE B 225 1.17 4.04 14.78
CA ILE B 225 1.38 4.23 16.21
C ILE B 225 0.45 5.34 16.67
N ILE B 226 0.46 6.45 15.95
CA ILE B 226 -0.53 7.49 16.13
C ILE B 226 -1.15 7.79 14.77
N LEU B 227 -2.47 7.97 14.75
CA LEU B 227 -3.21 7.93 13.51
C LEU B 227 -4.00 9.21 13.29
N ILE B 228 -4.26 9.53 12.02
CA ILE B 228 -5.02 10.72 11.69
C ILE B 228 -6.40 10.31 11.19
N ARG B 229 -7.41 10.57 12.00
CA ARG B 229 -8.79 10.20 11.69
C ARG B 229 -9.36 10.96 10.49
N ASP B 230 -10.23 10.29 9.74
CA ASP B 230 -10.87 10.85 8.56
C ASP B 230 -12.00 11.80 8.91
N LYS B 231 -11.91 13.03 8.40
CA LYS B 231 -12.87 14.08 8.73
C LYS B 231 -14.22 13.86 8.07
N ASN B 232 -14.21 13.18 6.93
CA ASN B 232 -15.43 13.00 6.14
C ASN B 232 -16.24 11.75 6.45
N LYS B 233 -15.94 11.08 7.55
CA LYS B 233 -16.75 9.94 7.98
C LYS B 233 -18.12 10.42 8.45
N PRO B 234 -19.17 9.59 8.26
CA PRO B 234 -20.53 10.05 8.56
C PRO B 234 -20.84 10.30 10.04
N GLN B 235 -20.06 9.70 10.95
CA GLN B 235 -20.29 9.85 12.39
C GLN B 235 -20.04 11.27 12.87
N TYR B 236 -19.31 12.04 12.08
CA TYR B 236 -18.90 13.39 12.46
C TYR B 236 -19.79 14.43 11.79
N GLY B 237 -19.90 14.33 10.46
CA GLY B 237 -20.80 15.20 9.72
C GLY B 237 -21.46 14.42 8.60
N GLY B 238 -22.67 14.84 8.22
CA GLY B 238 -23.40 14.19 7.14
C GLY B 238 -22.74 14.40 5.79
N MET C 1 3.11 -4.77 -35.85
CA MET C 1 2.28 -3.67 -36.36
C MET C 1 2.98 -2.34 -36.06
N ARG C 2 2.52 -1.27 -36.69
CA ARG C 2 3.19 0.02 -36.59
C ARG C 2 2.60 0.90 -35.49
N ILE C 3 3.41 1.26 -34.51
CA ILE C 3 2.93 2.03 -33.38
C ILE C 3 3.43 3.47 -33.40
N GLY C 4 2.50 4.41 -33.23
CA GLY C 4 2.81 5.82 -33.24
C GLY C 4 2.99 6.31 -31.81
N ILE C 5 4.00 7.15 -31.62
CA ILE C 5 4.30 7.70 -30.30
C ILE C 5 4.14 9.19 -30.31
N LEU C 6 3.16 9.69 -29.58
CA LEU C 6 2.93 11.12 -29.53
C LEU C 6 3.92 11.79 -28.62
N TYR C 7 4.42 12.93 -29.04
CA TYR C 7 5.38 13.65 -28.24
C TYR C 7 5.28 15.14 -28.56
N ILE C 8 5.09 15.93 -27.52
CA ILE C 8 5.02 17.37 -27.67
C ILE C 8 6.25 17.92 -26.98
N CYS C 9 6.91 18.89 -27.61
CA CYS C 9 8.15 19.41 -27.06
C CYS C 9 8.42 20.85 -27.45
N THR C 10 8.15 21.77 -26.54
CA THR C 10 8.35 23.20 -26.81
C THR C 10 9.27 23.86 -25.78
N GLY C 11 9.70 25.08 -26.10
CA GLY C 11 10.56 25.86 -25.22
C GLY C 11 11.91 25.23 -25.00
N LYS C 12 12.24 24.96 -23.74
CA LYS C 12 13.54 24.39 -23.37
C LYS C 12 13.42 22.88 -23.20
N TYR C 13 12.23 22.34 -23.43
CA TYR C 13 11.99 20.92 -23.23
C TYR C 13 12.62 20.06 -24.32
N ASP C 14 13.45 20.67 -25.17
CA ASP C 14 14.07 19.98 -26.28
C ASP C 14 15.31 19.23 -25.82
N ILE C 15 15.70 19.48 -24.58
CA ILE C 15 16.85 18.80 -23.98
C ILE C 15 16.45 17.39 -23.54
N PHE C 16 15.16 17.18 -23.37
CA PHE C 16 14.64 15.91 -22.86
C PHE C 16 14.65 14.84 -23.94
N TRP C 17 14.58 15.28 -25.19
CA TRP C 17 14.41 14.37 -26.32
C TRP C 17 15.58 13.41 -26.55
N LYS C 18 16.81 13.87 -26.32
CA LYS C 18 18.00 13.08 -26.65
C LYS C 18 18.02 11.74 -25.94
N ASP C 19 18.23 11.78 -24.63
CA ASP C 19 18.43 10.58 -23.82
C ASP C 19 17.19 9.68 -23.90
N PHE C 20 16.04 10.30 -24.16
CA PHE C 20 14.82 9.53 -24.35
C PHE C 20 14.85 8.80 -25.69
N TYR C 21 15.23 9.51 -26.76
CA TYR C 21 15.25 8.89 -28.09
C TYR C 21 16.12 7.64 -28.08
N LEU C 22 17.29 7.75 -27.46
CA LEU C 22 18.21 6.62 -27.34
C LEU C 22 17.52 5.50 -26.54
N SER C 23 16.85 5.88 -25.45
CA SER C 23 16.14 4.92 -24.63
C SER C 23 15.02 4.27 -25.44
N ALA C 24 14.40 5.08 -26.29
CA ALA C 24 13.30 4.62 -27.14
C ALA C 24 13.71 3.56 -28.16
N GLU C 25 14.84 3.75 -28.83
CA GLU C 25 15.26 2.81 -29.86
C GLU C 25 15.75 1.50 -29.25
N ARG C 26 16.38 1.61 -28.09
CA ARG C 26 16.94 0.45 -27.38
C ARG C 26 15.88 -0.42 -26.68
N TYR C 27 14.87 0.20 -26.09
CA TYR C 27 13.80 -0.58 -25.46
C TYR C 27 12.37 -0.56 -25.97
N PHE C 28 11.93 0.45 -26.69
CA PHE C 28 10.50 0.59 -26.69
C PHE C 28 9.75 -0.58 -27.21
N MET C 29 10.16 -1.11 -28.33
CA MET C 29 9.70 -2.42 -28.67
C MET C 29 10.77 -3.06 -29.50
N GLN C 30 11.35 -4.09 -28.93
CA GLN C 30 12.59 -4.67 -29.44
C GLN C 30 12.44 -5.91 -30.34
N ASP C 31 11.20 -6.29 -30.63
CA ASP C 31 10.90 -7.40 -31.54
C ASP C 31 10.89 -6.99 -33.03
N GLN C 32 11.20 -7.94 -33.92
CA GLN C 32 11.26 -7.64 -35.35
C GLN C 32 9.91 -7.32 -36.04
N SER C 33 8.81 -7.87 -35.54
CA SER C 33 7.50 -7.82 -36.22
C SER C 33 6.81 -6.45 -36.36
N PHE C 34 7.37 -5.42 -35.72
CA PHE C 34 6.73 -4.11 -35.68
C PHE C 34 7.63 -3.06 -36.30
N ILE C 35 7.07 -1.87 -36.54
CA ILE C 35 7.86 -0.71 -36.95
C ILE C 35 7.32 0.53 -36.20
N ILE C 36 8.23 1.39 -35.78
CA ILE C 36 7.87 2.54 -34.94
C ILE C 36 7.94 3.85 -35.72
N GLU C 37 7.01 4.77 -35.44
CA GLU C 37 7.02 6.08 -36.11
C GLU C 37 6.78 7.20 -35.09
N TYR C 38 7.80 8.02 -34.88
CA TYR C 38 7.75 9.07 -33.86
C TYR C 38 7.12 10.34 -34.42
N TYR C 39 6.12 10.88 -33.74
CA TYR C 39 5.52 12.16 -34.14
C TYR C 39 5.74 13.21 -33.05
N VAL C 40 6.85 13.93 -33.15
CA VAL C 40 7.19 14.92 -32.15
C VAL C 40 6.76 16.31 -32.60
N PHE C 41 6.23 17.10 -31.67
CA PHE C 41 5.75 18.45 -31.95
C PHE C 41 6.63 19.51 -31.28
N THR C 42 7.29 20.32 -32.09
CA THR C 42 8.28 21.27 -31.60
C THR C 42 8.34 22.55 -32.44
N ASP C 43 8.86 23.62 -31.84
CA ASP C 43 9.11 24.84 -32.59
C ASP C 43 10.44 24.75 -33.32
N SER C 44 11.49 24.23 -32.69
CA SER C 44 12.76 24.22 -33.41
C SER C 44 12.72 23.34 -34.65
N PRO C 45 13.34 23.79 -35.73
CA PRO C 45 13.48 23.01 -36.95
C PRO C 45 14.36 21.85 -36.65
N LYS C 46 15.40 22.12 -35.88
CA LYS C 46 16.37 21.12 -35.54
C LYS C 46 15.73 20.16 -34.60
N LEU C 47 16.29 18.96 -34.58
CA LEU C 47 15.80 17.86 -33.78
C LEU C 47 17.05 17.09 -33.52
N TYR C 48 17.05 16.15 -32.61
CA TYR C 48 18.27 15.39 -32.54
C TYR C 48 18.25 14.24 -33.53
N ASP C 49 19.18 14.26 -34.48
CA ASP C 49 19.46 13.07 -35.26
C ASP C 49 18.56 12.72 -36.44
N GLU C 50 17.66 13.59 -36.84
CA GLU C 50 16.62 13.21 -37.77
C GLU C 50 17.15 12.71 -39.10
N GLU C 51 18.16 13.41 -39.60
CA GLU C 51 18.69 13.25 -40.94
C GLU C 51 18.87 11.76 -41.26
N ASN C 52 19.13 10.96 -40.23
CA ASN C 52 19.34 9.53 -40.42
C ASN C 52 18.05 8.74 -40.35
N ASN C 53 17.33 8.89 -39.25
CA ASN C 53 16.08 8.17 -39.09
C ASN C 53 14.94 8.98 -39.69
N LYS C 54 14.10 8.30 -40.46
CA LYS C 54 13.04 8.97 -41.18
C LYS C 54 11.80 8.99 -40.30
N HIS C 55 11.80 8.09 -39.32
CA HIS C 55 10.66 7.89 -38.44
C HIS C 55 10.35 9.14 -37.62
N ILE C 56 11.36 9.96 -37.38
CA ILE C 56 11.16 11.21 -36.68
C ILE C 56 10.40 12.20 -37.55
N HIS C 57 9.26 12.66 -37.05
CA HIS C 57 8.50 13.70 -37.75
C HIS C 57 8.44 14.94 -36.89
N ARG C 58 8.99 16.03 -37.42
CA ARG C 58 8.92 17.29 -36.71
C ARG C 58 7.66 17.97 -37.20
N ILE C 59 6.76 18.32 -36.28
CA ILE C 59 5.58 19.05 -36.68
C ILE C 59 5.66 20.42 -36.03
N LYS C 60 5.78 21.47 -36.84
CA LYS C 60 5.95 22.81 -36.31
C LYS C 60 4.65 23.33 -35.71
N GLN C 61 4.80 23.96 -34.54
CA GLN C 61 3.71 24.57 -33.81
C GLN C 61 4.41 25.44 -32.77
N LYS C 62 3.95 26.67 -32.60
CA LYS C 62 4.69 27.59 -31.74
C LYS C 62 4.36 27.36 -30.27
N ASN C 63 5.01 28.13 -29.40
CA ASN C 63 4.81 28.01 -27.96
C ASN C 63 3.56 28.78 -27.52
N LEU C 64 2.69 28.09 -26.79
CA LEU C 64 1.45 28.67 -26.29
C LEU C 64 1.59 28.92 -24.78
N GLY C 65 2.71 28.48 -24.24
CA GLY C 65 3.05 28.66 -22.84
C GLY C 65 2.18 27.89 -21.87
N TRP C 66 2.56 27.95 -20.60
CA TRP C 66 1.80 27.27 -19.55
C TRP C 66 0.52 28.07 -19.28
N PRO C 67 -0.59 27.36 -19.06
CA PRO C 67 -0.71 25.92 -19.11
C PRO C 67 -1.25 25.45 -20.47
N ASP C 68 -1.42 26.37 -21.40
CA ASP C 68 -2.07 26.10 -22.66
C ASP C 68 -1.35 25.01 -23.46
N ASN C 69 -0.06 24.85 -23.20
CA ASN C 69 0.74 23.88 -23.93
C ASN C 69 0.34 22.43 -23.61
N THR C 70 -0.26 22.22 -22.45
CA THR C 70 -0.66 20.88 -22.04
C THR C 70 -2.17 20.69 -21.99
N LEU C 71 -2.92 21.79 -21.89
CA LEU C 71 -4.37 21.70 -21.89
C LEU C 71 -4.85 21.22 -23.25
N LYS C 72 -4.41 21.95 -24.27
CA LYS C 72 -4.85 21.71 -25.63
C LYS C 72 -3.92 20.80 -26.40
N ARG C 73 -3.25 19.87 -25.71
CA ARG C 73 -2.38 18.92 -26.40
C ARG C 73 -3.15 18.07 -27.39
N PHE C 74 -4.42 17.83 -27.09
CA PHE C 74 -5.25 16.99 -27.92
C PHE C 74 -5.62 17.76 -29.19
N HIS C 75 -5.53 19.08 -29.11
CA HIS C 75 -5.71 19.92 -30.29
C HIS C 75 -4.44 19.92 -31.14
N ILE C 76 -3.30 19.72 -30.48
CA ILE C 76 -2.02 19.63 -31.16
C ILE C 76 -1.85 18.26 -31.83
N PHE C 77 -2.40 17.24 -31.19
CA PHE C 77 -2.32 15.88 -31.73
C PHE C 77 -3.26 15.67 -32.90
N LEU C 78 -4.26 16.54 -33.00
CA LEU C 78 -5.34 16.38 -33.97
C LEU C 78 -5.20 17.24 -35.22
N ARG C 79 -4.28 18.20 -35.19
CA ARG C 79 -4.04 19.06 -36.34
C ARG C 79 -3.60 18.24 -37.54
N ILE C 80 -3.00 17.10 -37.25
CA ILE C 80 -2.50 16.18 -38.27
C ILE C 80 -3.29 14.87 -38.21
N LYS C 81 -4.53 14.98 -37.73
CA LYS C 81 -5.40 13.82 -37.48
C LYS C 81 -5.39 12.81 -38.62
N GLU C 82 -5.69 13.25 -39.84
CA GLU C 82 -5.87 12.36 -40.99
C GLU C 82 -4.66 11.50 -41.30
N GLN C 83 -3.47 11.98 -40.94
CA GLN C 83 -2.26 11.25 -41.23
C GLN C 83 -2.20 9.96 -40.41
N LEU C 84 -2.74 10.02 -39.20
CA LEU C 84 -2.53 8.97 -38.21
C LEU C 84 -3.41 7.72 -38.36
N GLU C 85 -4.42 7.74 -39.23
CA GLU C 85 -5.28 6.55 -39.35
C GLU C 85 -4.70 5.75 -40.50
N ARG C 86 -4.07 6.49 -41.41
CA ARG C 86 -3.44 5.89 -42.57
C ARG C 86 -2.02 5.53 -42.17
N GLU C 87 -1.46 6.24 -41.19
CA GLU C 87 -0.09 5.93 -40.79
C GLU C 87 0.06 5.29 -39.40
N THR C 88 -1.00 5.22 -38.60
CA THR C 88 -0.91 4.55 -37.30
C THR C 88 -2.11 3.65 -36.96
N ASP C 89 -1.89 2.66 -36.10
CA ASP C 89 -2.94 1.78 -35.57
C ASP C 89 -2.98 1.88 -34.06
N TYR C 90 -1.81 1.97 -33.45
CA TYR C 90 -1.71 2.11 -32.00
C TYR C 90 -1.09 3.46 -31.67
N LEU C 91 -1.53 4.07 -30.58
CA LEU C 91 -0.99 5.36 -30.17
C LEU C 91 -0.56 5.32 -28.71
N PHE C 92 0.40 6.18 -28.36
CA PHE C 92 0.84 6.30 -26.98
C PHE C 92 1.34 7.72 -26.76
N PHE C 93 1.22 8.22 -25.54
CA PHE C 93 1.79 9.51 -25.23
C PHE C 93 2.77 9.41 -24.08
N PHE C 94 3.95 9.98 -24.27
CA PHE C 94 4.96 10.01 -23.22
C PHE C 94 5.39 11.44 -22.90
N ASN C 95 5.52 11.72 -21.60
CA ASN C 95 6.02 13.00 -21.14
C ASN C 95 7.45 13.20 -21.66
N ALA C 96 7.88 14.45 -21.76
CA ALA C 96 9.18 14.75 -22.33
C ALA C 96 10.31 14.19 -21.45
N ASN C 97 10.13 14.29 -20.13
CA ASN C 97 11.16 13.89 -19.20
C ASN C 97 11.06 12.43 -18.82
N LEU C 98 10.39 11.64 -19.65
CA LEU C 98 10.33 10.19 -19.47
C LEU C 98 11.51 9.52 -20.18
N LEU C 99 11.82 8.30 -19.77
CA LEU C 99 12.87 7.51 -20.40
C LEU C 99 12.73 6.04 -20.05
N PHE C 100 13.25 5.19 -20.92
CA PHE C 100 13.10 3.75 -20.76
C PHE C 100 14.33 3.17 -20.07
N THR C 101 14.13 2.10 -19.32
CA THR C 101 15.21 1.50 -18.53
C THR C 101 15.25 -0.02 -18.70
N SER C 102 14.08 -0.63 -18.83
CA SER C 102 13.98 -2.07 -18.99
C SER C 102 13.01 -2.39 -20.13
N PRO C 103 13.27 -3.49 -20.87
CA PRO C 103 12.44 -3.81 -22.04
C PRO C 103 10.99 -4.01 -21.63
N ILE C 104 10.06 -3.68 -22.52
CA ILE C 104 8.65 -3.86 -22.23
C ILE C 104 8.09 -4.81 -23.27
N GLY C 105 7.88 -4.34 -24.49
CA GLY C 105 7.40 -5.23 -25.53
C GLY C 105 5.90 -5.28 -25.70
N LYS C 106 5.40 -6.47 -25.99
CA LYS C 106 4.03 -6.67 -26.42
C LYS C 106 2.95 -6.65 -25.32
N GLU C 107 3.34 -6.65 -24.06
CA GLU C 107 2.34 -6.74 -22.98
C GLU C 107 1.41 -5.52 -22.88
N ILE C 108 1.77 -4.41 -23.51
CA ILE C 108 1.03 -3.17 -23.30
C ILE C 108 -0.01 -2.80 -24.37
N LEU C 109 -0.07 -3.55 -25.46
CA LEU C 109 -1.05 -3.27 -26.51
C LEU C 109 -2.39 -3.93 -26.21
N PRO C 110 -3.46 -3.11 -26.11
CA PRO C 110 -4.81 -3.63 -25.84
C PRO C 110 -5.29 -4.63 -26.87
N PRO C 111 -5.90 -5.74 -26.42
CA PRO C 111 -6.55 -6.72 -27.30
C PRO C 111 -7.60 -6.07 -28.19
N SER C 112 -7.81 -6.63 -29.38
CA SER C 112 -8.73 -6.04 -30.34
C SER C 112 -10.19 -6.18 -29.92
N ASP C 113 -10.48 -7.15 -29.08
CA ASP C 113 -11.84 -7.40 -28.61
C ASP C 113 -12.32 -6.33 -27.64
N SER C 114 -11.37 -5.63 -27.01
CA SER C 114 -11.71 -4.63 -26.01
C SER C 114 -11.89 -3.23 -26.58
N ASN C 115 -11.85 -2.25 -25.68
CA ASN C 115 -12.05 -0.85 -26.05
C ASN C 115 -10.90 -0.33 -26.89
N GLY C 116 -9.69 -0.74 -26.52
CA GLY C 116 -8.50 -0.35 -27.22
C GLY C 116 -7.98 0.91 -26.57
N LEU C 117 -8.04 0.94 -25.24
CA LEU C 117 -7.59 2.10 -24.48
C LEU C 117 -6.58 1.69 -23.41
N LEU C 118 -5.76 2.64 -22.99
CA LEU C 118 -4.74 2.38 -21.98
C LEU C 118 -4.53 3.55 -21.01
N GLY C 119 -4.35 3.23 -19.73
CA GLY C 119 -4.07 4.23 -18.73
C GLY C 119 -2.98 3.76 -17.78
N THR C 120 -2.41 4.67 -17.02
CA THR C 120 -1.38 4.33 -16.05
C THR C 120 -1.66 4.98 -14.70
N MET C 121 -1.47 4.22 -13.63
CA MET C 121 -1.68 4.73 -12.27
C MET C 121 -0.74 5.87 -11.96
N HIS C 122 -1.15 6.74 -11.04
CA HIS C 122 -0.34 7.88 -10.66
C HIS C 122 0.68 7.42 -9.62
N PRO C 123 1.93 7.86 -9.76
CA PRO C 123 3.03 7.40 -8.90
C PRO C 123 2.82 7.70 -7.42
N GLY C 124 2.05 8.75 -7.14
CA GLY C 124 1.86 9.18 -5.76
C GLY C 124 0.57 8.70 -5.10
N PHE C 125 -0.37 8.19 -5.89
CA PHE C 125 -1.69 7.84 -5.34
C PHE C 125 -2.06 6.38 -5.52
N TYR C 126 -1.06 5.50 -5.51
CA TYR C 126 -1.33 4.07 -5.61
C TYR C 126 -1.54 3.50 -4.20
N ASN C 127 -0.97 4.18 -3.22
CA ASN C 127 -1.10 3.78 -1.82
C ASN C 127 -2.11 4.63 -1.05
N LYS C 128 -2.98 5.32 -1.79
CA LYS C 128 -3.90 6.28 -1.18
C LYS C 128 -5.35 5.82 -1.33
N PRO C 129 -6.24 6.29 -0.45
CA PRO C 129 -7.64 5.91 -0.61
C PRO C 129 -8.39 6.97 -1.42
N ASN C 130 -9.66 6.75 -1.73
CA ASN C 130 -10.41 7.68 -2.58
C ASN C 130 -10.53 9.07 -1.98
N SER C 131 -10.67 9.15 -0.66
CA SER C 131 -10.91 10.43 0.02
C SER C 131 -9.87 11.50 -0.32
N GLU C 132 -8.68 11.06 -0.73
CA GLU C 132 -7.59 12.00 -0.96
C GLU C 132 -7.18 12.11 -2.42
N PHE C 133 -7.97 11.48 -3.28
CA PHE C 133 -7.76 11.58 -4.71
C PHE C 133 -7.99 13.03 -5.18
N THR C 134 -7.16 13.50 -6.10
CA THR C 134 -7.26 14.89 -6.56
C THR C 134 -7.94 15.00 -7.91
N TYR C 135 -9.21 14.62 -7.98
CA TYR C 135 -9.97 14.79 -9.21
C TYR C 135 -10.41 16.25 -9.34
N GLU C 136 -11.33 16.53 -10.25
CA GLU C 136 -11.93 17.85 -10.31
C GLU C 136 -13.34 17.75 -9.74
N ARG C 137 -13.69 18.66 -8.83
CA ARG C 137 -14.89 18.49 -8.03
C ARG C 137 -15.94 19.60 -8.21
N ARG C 138 -15.80 20.40 -9.25
CA ARG C 138 -16.80 21.43 -9.51
C ARG C 138 -17.84 20.93 -10.52
N ASP C 139 -19.11 21.16 -10.18
CA ASP C 139 -20.23 20.59 -10.93
C ASP C 139 -20.33 21.11 -12.36
N ALA C 140 -20.03 22.38 -12.55
CA ALA C 140 -20.18 23.03 -13.85
C ALA C 140 -19.15 22.54 -14.85
N SER C 141 -18.22 21.70 -14.39
CA SER C 141 -17.18 21.18 -15.26
C SER C 141 -17.62 19.94 -16.00
N THR C 142 -17.08 19.76 -17.19
CA THR C 142 -17.33 18.57 -17.99
C THR C 142 -16.52 17.41 -17.43
N ALA C 143 -15.42 17.78 -16.79
CA ALA C 143 -14.49 16.82 -16.19
C ALA C 143 -14.87 16.51 -14.76
N TYR C 144 -16.14 16.72 -14.41
CA TYR C 144 -16.56 16.52 -13.04
C TYR C 144 -16.51 15.06 -12.65
N ILE C 145 -16.09 14.82 -11.40
CA ILE C 145 -16.19 13.50 -10.82
C ILE C 145 -16.37 13.65 -9.31
N PRO C 146 -17.43 13.04 -8.77
CA PRO C 146 -17.80 13.20 -7.36
C PRO C 146 -16.98 12.28 -6.46
N GLU C 147 -17.48 12.03 -5.25
CA GLU C 147 -16.80 11.16 -4.27
C GLU C 147 -17.40 9.75 -4.13
N GLY C 148 -16.64 8.84 -3.52
CA GLY C 148 -17.09 7.49 -3.24
C GLY C 148 -16.99 6.53 -4.42
N GLU C 149 -16.50 7.05 -5.54
CA GLU C 149 -16.34 6.25 -6.75
C GLU C 149 -14.96 6.48 -7.31
N GLY C 150 -14.63 5.76 -8.37
CA GLY C 150 -13.33 5.87 -8.97
C GLY C 150 -12.44 4.80 -8.40
N ARG C 151 -11.85 4.00 -9.28
CA ARG C 151 -11.03 2.90 -8.85
C ARG C 151 -9.61 3.37 -8.62
N TYR C 152 -9.10 4.15 -9.58
CA TYR C 152 -7.74 4.63 -9.50
C TYR C 152 -7.63 6.11 -9.87
N TYR C 153 -6.41 6.63 -9.76
CA TYR C 153 -6.12 7.99 -10.20
C TYR C 153 -5.12 7.91 -11.34
N TYR C 154 -5.60 7.95 -12.58
CA TYR C 154 -4.70 7.78 -13.72
C TYR C 154 -3.93 9.06 -14.01
N ALA C 155 -2.74 8.90 -14.58
CA ALA C 155 -1.87 10.01 -14.92
C ALA C 155 -1.85 10.24 -16.43
N GLY C 156 -1.39 11.41 -16.85
CA GLY C 156 -1.37 11.77 -18.26
C GLY C 156 -0.01 11.62 -18.89
N GLY C 157 0.94 11.08 -18.12
CA GLY C 157 2.30 10.89 -18.59
C GLY C 157 2.33 9.71 -19.53
N LEU C 158 1.34 8.84 -19.40
CA LEU C 158 1.20 7.70 -20.28
C LEU C 158 -0.26 7.37 -20.51
N SER C 159 -0.61 7.24 -21.78
CA SER C 159 -1.97 6.90 -22.18
C SER C 159 -1.89 6.40 -23.62
N GLY C 160 -2.75 5.45 -23.96
CA GLY C 160 -2.71 4.88 -25.29
C GLY C 160 -3.80 3.88 -25.58
N GLY C 161 -3.57 3.08 -26.62
CA GLY C 161 -4.53 2.09 -27.04
C GLY C 161 -4.61 2.08 -28.55
N CYS C 162 -5.66 1.48 -29.09
CA CYS C 162 -5.87 1.53 -30.53
C CYS C 162 -6.00 2.99 -30.95
N THR C 163 -5.61 3.31 -32.19
CA THR C 163 -5.66 4.69 -32.66
C THR C 163 -7.06 5.26 -32.63
N LYS C 164 -8.03 4.50 -33.12
CA LYS C 164 -9.41 4.93 -33.13
C LYS C 164 -9.86 5.30 -31.72
N ALA C 165 -9.73 4.35 -30.79
CA ALA C 165 -10.14 4.57 -29.41
C ALA C 165 -9.36 5.72 -28.77
N TYR C 166 -8.12 5.92 -29.20
CA TYR C 166 -7.32 7.01 -28.66
C TYR C 166 -7.68 8.31 -29.39
N LEU C 167 -7.97 8.20 -30.69
CA LEU C 167 -8.41 9.36 -31.45
C LEU C 167 -9.81 9.77 -31.01
N LYS C 168 -10.69 8.78 -30.84
CA LYS C 168 -12.06 9.02 -30.39
C LYS C 168 -12.02 9.73 -29.06
N LEU C 169 -11.06 9.32 -28.25
CA LEU C 169 -10.80 9.94 -26.97
C LEU C 169 -10.47 11.41 -27.17
N CYS C 170 -9.49 11.64 -28.03
CA CYS C 170 -8.93 12.97 -28.24
C CYS C 170 -9.96 14.03 -28.64
N THR C 171 -10.87 13.68 -29.56
CA THR C 171 -11.87 14.66 -30.03
C THR C 171 -12.93 14.92 -28.96
N THR C 172 -13.30 13.87 -28.23
CA THR C 172 -14.34 13.98 -27.20
C THR C 172 -14.01 15.05 -26.16
N ILE C 173 -12.93 14.84 -25.41
CA ILE C 173 -12.55 15.77 -24.35
C ILE C 173 -12.13 17.12 -24.91
N CYS C 174 -11.63 17.13 -26.15
CA CYS C 174 -11.21 18.35 -26.81
C CYS C 174 -12.37 19.33 -26.85
N SER C 175 -13.56 18.81 -27.11
CA SER C 175 -14.78 19.61 -27.06
C SER C 175 -15.01 20.04 -25.62
N TRP C 176 -14.85 19.08 -24.70
CA TRP C 176 -15.06 19.29 -23.27
C TRP C 176 -14.24 20.47 -22.76
N VAL C 177 -13.04 20.61 -23.30
CA VAL C 177 -12.15 21.69 -22.89
C VAL C 177 -12.68 22.99 -23.49
N ASP C 178 -13.06 22.92 -24.77
CA ASP C 178 -13.63 24.06 -25.46
C ASP C 178 -14.92 24.49 -24.77
N ARG C 179 -15.70 23.51 -24.32
CA ARG C 179 -16.92 23.77 -23.58
C ARG C 179 -16.63 24.43 -22.23
N ASP C 180 -15.62 23.93 -21.55
CA ASP C 180 -15.19 24.53 -20.29
C ASP C 180 -14.57 25.91 -20.54
N ALA C 181 -13.75 26.00 -21.59
CA ALA C 181 -13.11 27.26 -21.99
C ALA C 181 -14.13 28.36 -22.25
N THR C 182 -15.29 27.96 -22.78
CA THR C 182 -16.36 28.91 -23.08
C THR C 182 -17.06 29.31 -21.78
N ASN C 183 -17.01 28.43 -20.79
CA ASN C 183 -17.56 28.76 -19.48
C ASN C 183 -16.50 29.48 -18.66
N HIS C 184 -15.33 29.62 -19.28
CA HIS C 184 -14.20 30.37 -18.73
C HIS C 184 -13.76 29.90 -17.35
N ILE C 185 -13.57 28.59 -17.23
CA ILE C 185 -13.09 27.95 -16.01
C ILE C 185 -12.08 26.89 -16.47
N ILE C 186 -11.07 26.59 -15.64
CA ILE C 186 -10.10 25.58 -16.05
C ILE C 186 -9.89 24.49 -14.99
N PRO C 187 -10.02 23.23 -15.41
CA PRO C 187 -9.85 22.08 -14.51
C PRO C 187 -8.43 21.99 -13.94
N ILE C 188 -8.31 21.69 -12.66
CA ILE C 188 -7.00 21.54 -12.02
C ILE C 188 -6.39 20.22 -12.52
N TRP C 189 -5.08 20.11 -12.49
CA TRP C 189 -4.38 18.96 -13.05
C TRP C 189 -5.01 18.70 -14.40
N HIS C 190 -4.84 19.70 -15.25
CA HIS C 190 -5.64 19.91 -16.44
C HIS C 190 -5.71 18.74 -17.40
N ASP C 191 -4.56 18.26 -17.86
CA ASP C 191 -4.51 17.10 -18.76
C ASP C 191 -5.17 15.86 -18.15
N GLN C 192 -5.17 15.76 -16.82
CA GLN C 192 -5.59 14.55 -16.13
C GLN C 192 -7.06 14.54 -15.73
N SER C 193 -7.54 15.64 -15.14
CA SER C 193 -8.88 15.68 -14.57
C SER C 193 -9.96 15.22 -15.53
N LEU C 194 -9.84 15.57 -16.82
CA LEU C 194 -10.80 15.09 -17.81
C LEU C 194 -10.54 13.61 -18.04
N ILE C 195 -9.28 13.24 -18.23
CA ILE C 195 -8.90 11.85 -18.50
C ILE C 195 -9.48 10.92 -17.43
N ASN C 196 -9.33 11.28 -16.16
CA ASN C 196 -9.89 10.49 -15.06
C ASN C 196 -11.40 10.32 -15.21
N LYS C 197 -12.07 11.36 -15.71
CA LYS C 197 -13.49 11.28 -16.01
C LYS C 197 -13.77 10.23 -17.08
N TYR C 198 -12.99 10.27 -18.16
CA TYR C 198 -13.22 9.36 -19.28
C TYR C 198 -13.02 7.91 -18.83
N PHE C 199 -11.95 7.67 -18.10
CA PHE C 199 -11.65 6.32 -17.64
C PHE C 199 -12.59 5.89 -16.52
N LEU C 200 -13.30 6.86 -15.95
CA LEU C 200 -14.39 6.57 -15.04
C LEU C 200 -15.59 6.13 -15.87
N ASP C 201 -15.82 6.89 -16.95
CA ASP C 201 -16.89 6.60 -17.89
C ASP C 201 -16.62 5.27 -18.59
N ASN C 202 -15.40 5.13 -19.11
CA ASN C 202 -14.99 3.90 -19.77
C ASN C 202 -13.64 3.41 -19.28
N PRO C 203 -13.65 2.51 -18.28
CA PRO C 203 -12.40 1.96 -17.73
C PRO C 203 -11.57 1.26 -18.80
N PRO C 204 -10.27 1.58 -18.86
CA PRO C 204 -9.34 1.09 -19.88
C PRO C 204 -9.21 -0.42 -19.84
N ALA C 205 -8.79 -1.02 -20.95
CA ALA C 205 -8.59 -2.47 -20.96
C ALA C 205 -7.41 -2.85 -20.08
N ILE C 206 -6.43 -1.94 -19.98
CA ILE C 206 -5.25 -2.23 -19.17
C ILE C 206 -4.84 -1.02 -18.31
N THR C 207 -4.40 -1.32 -17.09
CA THR C 207 -3.90 -0.30 -16.18
C THR C 207 -2.49 -0.68 -15.71
N LEU C 208 -1.53 0.15 -16.07
CA LEU C 208 -0.12 -0.15 -15.83
C LEU C 208 0.33 0.33 -14.46
N SER C 209 1.00 -0.55 -13.72
CA SER C 209 1.55 -0.24 -12.42
C SER C 209 2.48 0.98 -12.51
N PRO C 210 2.61 1.73 -11.40
CA PRO C 210 3.42 2.95 -11.38
C PRO C 210 4.92 2.73 -11.58
N ALA C 211 5.35 1.49 -11.78
CA ALA C 211 6.74 1.23 -12.16
C ALA C 211 7.04 1.87 -13.51
N TYR C 212 5.98 2.10 -14.28
CA TYR C 212 6.07 2.68 -15.61
C TYR C 212 6.03 4.20 -15.54
N LEU C 213 5.85 4.71 -14.33
CA LEU C 213 5.96 6.12 -14.07
C LEU C 213 6.74 6.25 -12.77
N TYR C 214 8.03 5.93 -12.84
CA TYR C 214 8.84 5.87 -11.64
C TYR C 214 9.68 7.12 -11.56
N PRO C 215 9.36 7.98 -10.58
CA PRO C 215 10.16 9.19 -10.38
C PRO C 215 11.50 8.83 -9.77
N GLU C 216 12.55 9.44 -10.28
CA GLU C 216 13.90 9.16 -9.80
C GLU C 216 14.15 9.77 -8.43
N GLY C 217 14.85 9.02 -7.59
CA GLY C 217 15.14 9.43 -6.22
C GLY C 217 14.16 8.84 -5.23
N TRP C 218 12.98 8.45 -5.73
CA TRP C 218 11.94 7.88 -4.87
C TRP C 218 12.24 6.43 -4.48
N LEU C 219 11.67 6.00 -3.37
CA LEU C 219 11.78 4.60 -2.95
C LEU C 219 10.45 3.88 -3.05
N LEU C 220 10.25 3.15 -4.15
CA LEU C 220 9.01 2.41 -4.36
C LEU C 220 9.26 0.89 -4.40
N PRO C 221 8.22 0.11 -4.09
CA PRO C 221 8.25 -1.36 -4.13
C PRO C 221 8.20 -1.92 -5.54
N PHE C 222 8.96 -1.35 -6.45
CA PHE C 222 8.96 -1.78 -7.86
C PHE C 222 10.34 -1.82 -8.49
N GLU C 223 10.39 -2.44 -9.67
CA GLU C 223 11.57 -2.40 -10.50
C GLU C 223 11.39 -1.28 -11.51
N PRO C 224 12.37 -0.37 -11.57
CA PRO C 224 12.30 0.70 -12.56
C PRO C 224 12.22 0.11 -13.97
N ILE C 225 11.32 0.61 -14.82
CA ILE C 225 11.23 0.13 -16.20
C ILE C 225 11.22 1.34 -17.15
N ILE C 226 10.32 2.29 -16.90
CA ILE C 226 10.37 3.58 -17.56
C ILE C 226 10.28 4.65 -16.46
N LEU C 227 11.10 5.69 -16.58
CA LEU C 227 11.39 6.56 -15.46
C LEU C 227 11.07 8.03 -15.74
N ILE C 228 10.79 8.79 -14.68
CA ILE C 228 10.51 10.22 -14.80
C ILE C 228 11.69 11.04 -14.27
N ARG C 229 12.37 11.73 -15.16
CA ARG C 229 13.49 12.57 -14.76
C ARG C 229 13.03 13.71 -13.90
N ASP C 230 13.86 14.06 -12.93
CA ASP C 230 13.57 15.18 -12.07
C ASP C 230 13.94 16.42 -12.83
N LYS C 231 12.96 17.30 -13.06
CA LYS C 231 13.20 18.48 -13.88
C LYS C 231 14.04 19.50 -13.12
N ASN C 232 14.03 19.38 -11.80
CA ASN C 232 14.73 20.35 -10.95
C ASN C 232 16.20 20.01 -10.77
N LYS C 233 16.71 19.09 -11.59
CA LYS C 233 18.14 18.80 -11.61
C LYS C 233 18.87 20.00 -12.18
N PRO C 234 20.12 20.21 -11.75
CA PRO C 234 20.87 21.38 -12.23
C PRO C 234 21.16 21.30 -13.72
N GLN C 235 21.20 20.09 -14.27
CA GLN C 235 21.44 19.91 -15.69
C GLN C 235 20.22 20.40 -16.48
N TYR C 236 19.06 20.40 -15.82
CA TYR C 236 17.81 20.80 -16.44
C TYR C 236 17.41 22.19 -15.97
N GLY C 237 17.37 22.38 -14.65
CA GLY C 237 17.09 23.68 -14.06
C GLY C 237 15.96 23.61 -13.06
N GLY C 238 14.73 23.50 -13.57
CA GLY C 238 13.57 23.37 -12.71
C GLY C 238 12.28 23.21 -13.48
N HIS C 239 11.33 24.09 -13.21
CA HIS C 239 10.05 24.07 -13.89
C HIS C 239 9.90 25.37 -14.64
N GLU C 240 9.95 25.30 -15.96
CA GLU C 240 9.95 26.49 -16.79
C GLU C 240 8.79 26.50 -17.77
N MET D 1 36.81 -7.03 1.99
CA MET D 1 36.95 -8.43 2.33
C MET D 1 36.50 -9.29 1.15
N ARG D 2 36.84 -10.57 1.18
CA ARG D 2 36.55 -11.44 0.06
C ARG D 2 35.23 -12.14 0.35
N ILE D 3 34.21 -11.81 -0.42
CA ILE D 3 32.89 -12.36 -0.15
C ILE D 3 32.30 -13.20 -1.28
N GLY D 4 31.88 -14.40 -0.93
CA GLY D 4 31.29 -15.32 -1.88
C GLY D 4 29.78 -15.30 -1.93
N ILE D 5 29.24 -15.30 -3.13
CA ILE D 5 27.80 -15.26 -3.33
C ILE D 5 27.34 -16.48 -4.11
N LEU D 6 26.55 -17.35 -3.48
CA LEU D 6 26.06 -18.52 -4.18
C LEU D 6 24.89 -18.10 -5.06
N TYR D 7 24.80 -18.67 -6.25
CA TYR D 7 23.73 -18.36 -7.18
C TYR D 7 23.38 -19.55 -8.06
N ILE D 8 22.08 -19.85 -8.11
CA ILE D 8 21.55 -20.99 -8.87
C ILE D 8 20.67 -20.55 -10.03
N CYS D 9 20.82 -21.23 -11.16
CA CYS D 9 20.06 -20.89 -12.35
C CYS D 9 19.86 -22.07 -13.31
N THR D 10 18.66 -22.65 -13.29
CA THR D 10 18.32 -23.74 -14.21
C THR D 10 17.05 -23.44 -14.99
N GLY D 11 16.80 -24.22 -16.05
CA GLY D 11 15.59 -24.09 -16.85
C GLY D 11 15.42 -22.77 -17.59
N LYS D 12 14.32 -22.10 -17.29
CA LYS D 12 13.95 -20.86 -17.95
C LYS D 12 14.39 -19.66 -17.13
N TYR D 13 14.99 -19.94 -15.98
CA TYR D 13 15.41 -18.87 -15.08
C TYR D 13 16.73 -18.27 -15.54
N ASP D 14 17.13 -18.59 -16.76
CA ASP D 14 18.40 -18.14 -17.31
C ASP D 14 18.33 -16.73 -17.87
N ILE D 15 17.12 -16.20 -17.96
CA ILE D 15 16.93 -14.82 -18.38
C ILE D 15 17.21 -13.90 -17.20
N PHE D 16 17.18 -14.46 -15.99
CA PHE D 16 17.25 -13.62 -14.81
C PHE D 16 18.60 -13.04 -14.45
N TRP D 17 19.72 -13.70 -14.79
CA TRP D 17 21.00 -13.22 -14.24
C TRP D 17 21.33 -11.76 -14.59
N LYS D 18 20.90 -11.28 -15.76
CA LYS D 18 21.33 -9.95 -16.19
C LYS D 18 21.04 -8.74 -15.30
N ASP D 19 19.79 -8.31 -15.22
CA ASP D 19 19.48 -7.01 -14.65
C ASP D 19 19.88 -6.79 -13.17
N PHE D 20 19.91 -7.84 -12.35
CA PHE D 20 20.41 -7.66 -10.98
C PHE D 20 21.93 -7.62 -10.97
N TYR D 21 22.56 -8.40 -11.86
CA TYR D 21 24.02 -8.45 -11.94
C TYR D 21 24.58 -7.04 -12.05
N LEU D 22 23.93 -6.23 -12.88
CA LEU D 22 24.31 -4.83 -13.02
C LEU D 22 24.16 -4.13 -11.67
N SER D 23 23.02 -4.35 -11.04
CA SER D 23 22.72 -3.77 -9.73
C SER D 23 23.68 -4.31 -8.68
N ALA D 24 24.08 -5.56 -8.86
CA ALA D 24 24.99 -6.20 -7.92
C ALA D 24 26.28 -5.41 -7.84
N GLU D 25 26.80 -5.03 -8.99
CA GLU D 25 28.00 -4.24 -9.06
C GLU D 25 27.67 -2.78 -8.72
N ARG D 26 26.45 -2.37 -9.06
CA ARG D 26 26.05 -0.98 -8.86
C ARG D 26 25.76 -0.58 -7.41
N TYR D 27 25.04 -1.41 -6.65
CA TYR D 27 24.63 -0.97 -5.33
C TYR D 27 25.35 -1.67 -4.19
N PHE D 28 25.20 -2.99 -4.09
CA PHE D 28 25.83 -3.76 -3.01
C PHE D 28 27.37 -3.84 -3.04
N MET D 29 27.97 -3.87 -1.85
CA MET D 29 29.40 -4.14 -1.64
C MET D 29 30.41 -3.22 -2.33
N GLN D 30 30.11 -1.92 -2.36
CA GLN D 30 30.99 -0.93 -2.98
C GLN D 30 32.37 -0.70 -2.32
N ASP D 31 32.42 -0.69 -1.00
CA ASP D 31 33.50 -0.08 -0.25
C ASP D 31 34.81 -0.59 -0.83
N GLN D 32 35.87 0.21 -0.76
CA GLN D 32 37.14 -0.17 -1.35
C GLN D 32 37.64 -1.42 -0.65
N SER D 33 37.21 -1.55 0.60
CA SER D 33 37.60 -2.64 1.48
C SER D 33 37.06 -3.96 0.96
N PHE D 34 36.33 -3.93 -0.16
CA PHE D 34 35.57 -5.09 -0.62
C PHE D 34 35.95 -5.70 -1.97
N ILE D 35 35.62 -6.98 -2.13
CA ILE D 35 35.72 -7.68 -3.41
C ILE D 35 34.63 -8.77 -3.55
N ILE D 36 34.04 -8.91 -4.73
CA ILE D 36 32.93 -9.85 -4.94
C ILE D 36 33.30 -11.07 -5.81
N GLU D 37 32.76 -12.23 -5.47
CA GLU D 37 32.94 -13.45 -6.26
C GLU D 37 31.62 -14.21 -6.44
N TYR D 38 31.13 -14.28 -7.69
CA TYR D 38 29.87 -14.93 -8.00
C TYR D 38 30.02 -16.44 -8.20
N TYR D 39 29.15 -17.21 -7.57
CA TYR D 39 29.15 -18.66 -7.77
C TYR D 39 27.86 -19.09 -8.46
N VAL D 40 27.90 -19.14 -9.79
CA VAL D 40 26.73 -19.46 -10.58
C VAL D 40 26.72 -20.94 -10.90
N PHE D 41 25.56 -21.57 -10.77
CA PHE D 41 25.41 -22.96 -11.14
C PHE D 41 24.36 -23.00 -12.26
N THR D 42 24.77 -23.30 -13.48
CA THR D 42 23.86 -23.17 -14.63
C THR D 42 24.10 -24.13 -15.78
N ASP D 43 23.05 -24.34 -16.57
CA ASP D 43 23.14 -25.08 -17.83
C ASP D 43 23.57 -24.17 -18.97
N SER D 44 23.03 -22.95 -18.96
CA SER D 44 23.20 -21.97 -20.03
C SER D 44 24.62 -21.83 -20.56
N PRO D 45 24.75 -21.71 -21.87
CA PRO D 45 26.05 -21.57 -22.53
C PRO D 45 26.80 -20.29 -22.16
N LYS D 46 26.06 -19.18 -22.08
CA LYS D 46 26.68 -17.87 -21.87
C LYS D 46 26.18 -17.13 -20.63
N LEU D 47 27.10 -16.58 -19.86
CA LEU D 47 26.77 -15.77 -18.70
C LEU D 47 27.23 -14.33 -18.91
N TYR D 48 26.34 -13.38 -18.68
CA TYR D 48 26.64 -11.97 -18.91
C TYR D 48 27.75 -11.45 -18.00
N ASP D 49 28.63 -10.63 -18.57
CA ASP D 49 29.72 -10.03 -17.81
C ASP D 49 30.88 -11.02 -17.66
N GLU D 50 30.73 -12.17 -18.29
CA GLU D 50 31.73 -13.24 -18.20
C GLU D 50 33.09 -12.85 -18.79
N GLU D 51 33.06 -12.15 -19.93
CA GLU D 51 34.29 -11.89 -20.67
C GLU D 51 35.02 -10.64 -20.19
N ASN D 52 34.27 -9.67 -19.66
CA ASN D 52 34.89 -8.42 -19.21
C ASN D 52 35.37 -8.53 -17.76
N ASN D 53 34.45 -8.83 -16.83
CA ASN D 53 34.84 -9.03 -15.44
C ASN D 53 35.14 -10.51 -15.27
N LYS D 54 36.22 -10.83 -14.56
CA LYS D 54 36.69 -12.21 -14.46
C LYS D 54 36.13 -13.00 -13.27
N HIS D 55 35.61 -12.31 -12.26
CA HIS D 55 35.13 -13.00 -11.06
C HIS D 55 34.00 -13.98 -11.34
N ILE D 56 33.18 -13.69 -12.34
CA ILE D 56 32.11 -14.60 -12.69
C ILE D 56 32.68 -15.85 -13.37
N HIS D 57 32.52 -16.99 -12.73
CA HIS D 57 32.99 -18.25 -13.28
C HIS D 57 31.82 -19.21 -13.48
N ARG D 58 31.71 -19.75 -14.69
CA ARG D 58 30.60 -20.66 -15.01
C ARG D 58 30.73 -22.00 -14.29
N ILE D 59 29.61 -22.47 -13.77
CA ILE D 59 29.52 -23.80 -13.18
C ILE D 59 28.38 -24.54 -13.85
N LYS D 60 28.62 -25.78 -14.27
CA LYS D 60 27.57 -26.52 -14.99
C LYS D 60 26.53 -27.25 -14.12
N GLN D 61 25.27 -27.16 -14.54
CA GLN D 61 24.15 -27.86 -13.90
C GLN D 61 22.85 -27.92 -14.71
N LYS D 62 22.33 -29.15 -14.82
CA LYS D 62 21.11 -29.44 -15.59
C LYS D 62 19.85 -29.25 -14.74
N ASN D 63 18.69 -29.42 -15.35
CA ASN D 63 17.44 -29.32 -14.61
C ASN D 63 17.10 -30.64 -13.92
N LEU D 64 16.89 -30.58 -12.61
CA LEU D 64 16.50 -31.76 -11.85
C LEU D 64 15.05 -31.57 -11.48
N GLY D 65 14.54 -30.37 -11.73
CA GLY D 65 13.15 -30.06 -11.48
C GLY D 65 12.75 -30.11 -10.02
N TRP D 66 11.49 -29.79 -9.74
CA TRP D 66 10.97 -29.88 -8.39
C TRP D 66 10.89 -31.34 -7.98
N PRO D 67 11.22 -31.64 -6.71
CA PRO D 67 11.68 -30.63 -5.76
C PRO D 67 13.18 -30.57 -5.66
N ASP D 68 13.87 -31.41 -6.43
CA ASP D 68 15.31 -31.58 -6.34
C ASP D 68 16.03 -30.32 -6.79
N ASN D 69 15.39 -29.59 -7.69
CA ASN D 69 16.04 -28.41 -8.23
C ASN D 69 16.19 -27.42 -7.11
N THR D 70 15.30 -27.53 -6.12
CA THR D 70 15.45 -26.70 -4.96
C THR D 70 15.83 -27.54 -3.80
N LEU D 71 15.40 -28.80 -3.70
CA LEU D 71 15.74 -29.54 -2.51
C LEU D 71 17.26 -29.75 -2.40
N LYS D 72 17.84 -30.28 -3.44
CA LYS D 72 19.26 -30.55 -3.39
C LYS D 72 19.99 -29.34 -3.99
N ARG D 73 19.41 -28.18 -3.72
CA ARG D 73 19.97 -26.87 -4.05
C ARG D 73 21.22 -26.82 -3.22
N PHE D 74 21.08 -27.45 -2.08
CA PHE D 74 22.04 -27.46 -1.00
C PHE D 74 23.18 -28.45 -1.16
N HIS D 75 22.93 -29.52 -1.90
CA HIS D 75 24.00 -30.46 -2.23
C HIS D 75 24.86 -29.92 -3.37
N ILE D 76 24.31 -28.94 -4.08
CA ILE D 76 24.97 -28.37 -5.24
C ILE D 76 26.16 -27.51 -4.84
N PHE D 77 26.11 -26.84 -3.69
CA PHE D 77 27.28 -26.09 -3.29
C PHE D 77 28.33 -27.06 -2.70
N LEU D 78 27.99 -28.35 -2.55
CA LEU D 78 28.94 -29.32 -1.97
C LEU D 78 29.80 -30.02 -3.00
N ARG D 79 29.38 -29.99 -4.25
CA ARG D 79 30.17 -30.61 -5.30
C ARG D 79 31.51 -29.90 -5.41
N ILE D 80 31.51 -28.61 -5.07
CA ILE D 80 32.72 -27.81 -5.10
C ILE D 80 33.07 -27.26 -3.73
N LYS D 81 32.63 -27.97 -2.68
CA LYS D 81 32.78 -27.51 -1.29
C LYS D 81 34.17 -26.99 -0.94
N GLU D 82 35.19 -27.81 -1.14
CA GLU D 82 36.54 -27.47 -0.69
C GLU D 82 37.06 -26.16 -1.29
N GLN D 83 36.56 -25.81 -2.46
CA GLN D 83 37.02 -24.62 -3.17
C GLN D 83 36.67 -23.29 -2.53
N LEU D 84 35.52 -23.21 -1.87
CA LEU D 84 34.94 -21.92 -1.46
C LEU D 84 35.61 -21.29 -0.24
N GLU D 85 36.56 -22.01 0.35
CA GLU D 85 37.24 -21.60 1.58
C GLU D 85 38.52 -20.80 1.37
N ARG D 86 39.12 -20.89 0.19
CA ARG D 86 40.41 -20.25 -0.07
C ARG D 86 40.28 -18.79 -0.49
N GLU D 87 39.15 -18.47 -1.11
CA GLU D 87 38.88 -17.12 -1.63
C GLU D 87 37.76 -16.38 -0.89
N THR D 88 37.14 -16.98 0.11
CA THR D 88 36.02 -16.31 0.80
C THR D 88 36.05 -16.29 2.34
N ASP D 89 35.35 -15.31 2.90
CA ASP D 89 35.17 -15.16 4.34
C ASP D 89 33.67 -15.21 4.65
N TYR D 90 32.86 -14.58 3.81
CA TYR D 90 31.41 -14.60 3.97
C TYR D 90 30.68 -15.23 2.77
N LEU D 91 29.57 -15.93 3.04
CA LEU D 91 28.70 -16.47 1.98
C LEU D 91 27.26 -16.03 2.18
N PHE D 92 26.52 -15.95 1.08
CA PHE D 92 25.12 -15.52 1.09
C PHE D 92 24.36 -16.18 -0.07
N PHE D 93 23.06 -16.37 0.08
CA PHE D 93 22.27 -16.80 -1.07
C PHE D 93 21.19 -15.77 -1.37
N PHE D 94 21.11 -15.41 -2.65
CA PHE D 94 20.06 -14.54 -3.17
C PHE D 94 19.34 -15.27 -4.31
N ASN D 95 18.02 -15.23 -4.31
CA ASN D 95 17.24 -15.84 -5.39
C ASN D 95 17.54 -15.24 -6.75
N ALA D 96 17.26 -15.99 -7.81
CA ALA D 96 17.55 -15.56 -9.17
C ALA D 96 16.70 -14.35 -9.51
N ASN D 97 15.46 -14.36 -9.02
CA ASN D 97 14.51 -13.30 -9.32
C ASN D 97 14.58 -12.17 -8.31
N LEU D 98 15.72 -12.00 -7.67
CA LEU D 98 15.90 -10.88 -6.76
C LEU D 98 16.36 -9.62 -7.49
N LEU D 99 16.25 -8.50 -6.80
CA LEU D 99 16.62 -7.20 -7.37
C LEU D 99 17.10 -6.20 -6.30
N PHE D 100 18.04 -5.34 -6.69
CA PHE D 100 18.68 -4.47 -5.70
C PHE D 100 18.12 -3.07 -5.85
N THR D 101 18.06 -2.31 -4.75
CA THR D 101 17.49 -0.97 -4.80
C THR D 101 18.35 0.06 -4.06
N SER D 102 18.97 -0.35 -2.96
CA SER D 102 19.83 0.57 -2.21
C SER D 102 21.16 -0.07 -1.80
N PRO D 103 22.25 0.71 -1.82
CA PRO D 103 23.60 0.21 -1.53
C PRO D 103 23.73 -0.36 -0.12
N ILE D 104 24.56 -1.37 0.06
CA ILE D 104 24.73 -1.99 1.36
C ILE D 104 26.20 -2.00 1.82
N GLY D 105 26.40 -2.18 3.12
CA GLY D 105 27.74 -2.26 3.70
C GLY D 105 27.82 -3.38 4.72
N LYS D 106 28.58 -3.18 5.78
CA LYS D 106 28.86 -4.25 6.74
C LYS D 106 27.69 -4.47 7.68
N GLU D 107 26.69 -3.61 7.56
CA GLU D 107 25.55 -3.60 8.46
C GLU D 107 24.78 -4.93 8.42
N ILE D 108 25.01 -5.71 7.36
CA ILE D 108 24.36 -7.01 7.23
C ILE D 108 25.37 -8.11 7.54
N LEU D 109 26.62 -7.71 7.76
CA LEU D 109 27.69 -8.66 8.07
C LEU D 109 27.62 -9.03 9.53
N PRO D 110 27.48 -10.33 9.81
CA PRO D 110 27.38 -10.78 11.20
C PRO D 110 28.61 -10.42 12.01
N PRO D 111 28.43 -9.92 13.24
CA PRO D 111 29.64 -9.74 14.04
C PRO D 111 30.33 -11.08 14.22
N SER D 112 31.65 -11.08 14.17
CA SER D 112 32.44 -12.30 14.30
C SER D 112 32.59 -12.79 15.74
N ASP D 113 32.43 -11.89 16.71
CA ASP D 113 32.65 -12.25 18.12
C ASP D 113 31.58 -13.19 18.61
N SER D 114 30.41 -13.12 17.99
CA SER D 114 29.33 -14.04 18.29
C SER D 114 29.45 -15.16 17.27
N ASN D 115 28.36 -15.87 17.05
CA ASN D 115 28.34 -17.00 16.12
C ASN D 115 28.55 -16.65 14.65
N GLY D 116 27.95 -15.57 14.16
CA GLY D 116 28.24 -15.11 12.81
C GLY D 116 27.38 -15.59 11.65
N LEU D 117 26.07 -15.66 11.83
CA LEU D 117 25.15 -16.16 10.80
C LEU D 117 24.00 -15.19 10.56
N LEU D 118 23.32 -15.30 9.41
CA LEU D 118 22.18 -14.42 9.16
C LEU D 118 20.96 -15.09 8.51
N GLY D 119 19.79 -14.66 8.97
CA GLY D 119 18.51 -15.06 8.40
C GLY D 119 17.63 -13.82 8.37
N THR D 120 16.51 -13.87 7.65
CA THR D 120 15.55 -12.75 7.61
C THR D 120 14.12 -13.20 7.80
N MET D 121 13.37 -12.36 8.50
CA MET D 121 11.97 -12.62 8.72
C MET D 121 11.26 -12.70 7.40
N HIS D 122 10.18 -13.47 7.36
CA HIS D 122 9.41 -13.64 6.14
C HIS D 122 8.38 -12.52 5.98
N PRO D 123 8.24 -11.99 4.76
CA PRO D 123 7.35 -10.86 4.46
C PRO D 123 5.89 -11.18 4.77
N GLY D 124 5.53 -12.46 4.78
CA GLY D 124 4.14 -12.86 4.99
C GLY D 124 3.80 -13.21 6.43
N PHE D 125 4.82 -13.39 7.28
CA PHE D 125 4.61 -13.82 8.65
C PHE D 125 5.18 -12.83 9.67
N TYR D 126 5.14 -11.54 9.33
CA TYR D 126 5.58 -10.48 10.23
C TYR D 126 4.44 -10.04 11.11
N ASN D 127 3.21 -10.18 10.61
CA ASN D 127 2.01 -9.76 11.33
C ASN D 127 1.28 -10.93 11.95
N LYS D 128 1.96 -12.08 12.02
CA LYS D 128 1.31 -13.29 12.48
C LYS D 128 1.96 -13.79 13.76
N PRO D 129 1.21 -14.56 14.57
CA PRO D 129 1.75 -15.10 15.80
C PRO D 129 2.27 -16.53 15.63
N ASN D 130 2.83 -17.10 16.69
CA ASN D 130 3.44 -18.43 16.63
C ASN D 130 2.40 -19.47 16.20
N SER D 131 1.17 -19.28 16.66
CA SER D 131 0.07 -20.21 16.40
C SER D 131 -0.16 -20.47 14.91
N GLU D 132 0.26 -19.54 14.06
CA GLU D 132 -0.05 -19.62 12.65
C GLU D 132 1.16 -19.90 11.75
N PHE D 133 2.32 -20.13 12.37
CA PHE D 133 3.53 -20.45 11.62
C PHE D 133 3.46 -21.84 10.97
N THR D 134 3.96 -21.96 9.75
CA THR D 134 3.97 -23.24 9.04
C THR D 134 5.36 -23.87 9.05
N TYR D 135 5.79 -24.26 10.26
CA TYR D 135 7.01 -25.03 10.46
C TYR D 135 6.76 -26.48 10.07
N GLU D 136 7.65 -27.37 10.51
CA GLU D 136 7.43 -28.80 10.35
C GLU D 136 6.99 -29.37 11.70
N ARG D 137 5.89 -30.12 11.70
CA ARG D 137 5.25 -30.49 12.97
C ARG D 137 5.13 -32.00 13.23
N ARG D 138 5.80 -32.81 12.42
CA ARG D 138 5.82 -34.26 12.62
C ARG D 138 7.07 -34.76 13.32
N ASP D 139 6.89 -35.63 14.31
CA ASP D 139 7.97 -36.07 15.19
C ASP D 139 9.09 -36.82 14.45
N ALA D 140 8.72 -37.62 13.46
CA ALA D 140 9.67 -38.46 12.75
C ALA D 140 10.59 -37.64 11.84
N SER D 141 10.31 -36.34 11.73
CA SER D 141 11.11 -35.48 10.86
C SER D 141 12.35 -34.89 11.54
N THR D 142 13.40 -34.67 10.76
CA THR D 142 14.62 -34.04 11.24
C THR D 142 14.41 -32.53 11.34
N ALA D 143 13.50 -32.02 10.51
CA ALA D 143 13.20 -30.60 10.50
C ALA D 143 12.08 -30.29 11.47
N TYR D 144 11.82 -31.22 12.38
CA TYR D 144 10.72 -31.06 13.34
C TYR D 144 11.00 -30.00 14.38
N ILE D 145 9.95 -29.24 14.68
CA ILE D 145 9.94 -28.29 15.78
C ILE D 145 8.50 -28.23 16.27
N PRO D 146 8.29 -28.43 17.58
CA PRO D 146 6.94 -28.58 18.14
C PRO D 146 6.17 -27.28 18.20
N GLU D 147 5.14 -27.24 19.04
CA GLU D 147 4.26 -26.10 19.11
C GLU D 147 4.66 -25.12 20.22
N GLY D 148 4.18 -23.89 20.10
CA GLY D 148 4.39 -22.89 21.13
C GLY D 148 5.78 -22.28 21.18
N GLU D 149 6.66 -22.68 20.27
CA GLU D 149 8.02 -22.14 20.27
C GLU D 149 8.49 -21.63 18.92
N GLY D 150 9.66 -20.98 18.93
CA GLY D 150 10.18 -20.31 17.76
C GLY D 150 9.76 -18.86 17.87
N ARG D 151 10.72 -17.94 17.81
CA ARG D 151 10.40 -16.53 17.99
C ARG D 151 9.98 -15.89 16.68
N TYR D 152 10.67 -16.23 15.61
CA TYR D 152 10.38 -15.67 14.30
C TYR D 152 10.18 -16.74 13.24
N TYR D 153 9.79 -16.28 12.06
CA TYR D 153 9.60 -17.16 10.92
C TYR D 153 10.57 -16.74 9.81
N TYR D 154 11.74 -17.38 9.77
CA TYR D 154 12.78 -17.00 8.82
C TYR D 154 12.46 -17.57 7.43
N ALA D 155 12.95 -16.92 6.40
CA ALA D 155 12.70 -17.37 5.03
C ALA D 155 13.93 -18.03 4.42
N GLY D 156 13.72 -18.82 3.37
CA GLY D 156 14.79 -19.55 2.71
C GLY D 156 15.23 -18.92 1.41
N GLY D 157 14.64 -17.78 1.07
CA GLY D 157 14.98 -17.08 -0.16
C GLY D 157 16.34 -16.45 -0.04
N LEU D 158 16.78 -16.29 1.20
CA LEU D 158 18.07 -15.71 1.47
C LEU D 158 18.66 -16.38 2.70
N SER D 159 19.98 -16.57 2.68
CA SER D 159 20.68 -17.19 3.80
C SER D 159 22.15 -16.82 3.76
N GLY D 160 22.77 -16.66 4.92
CA GLY D 160 24.18 -16.32 4.95
C GLY D 160 24.88 -16.19 6.28
N GLY D 161 26.04 -15.54 6.22
CA GLY D 161 26.89 -15.37 7.39
C GLY D 161 28.33 -15.56 6.95
N CYS D 162 29.22 -15.78 7.91
CA CYS D 162 30.60 -16.10 7.58
C CYS D 162 30.66 -17.38 6.76
N THR D 163 31.68 -17.52 5.90
CA THR D 163 31.83 -18.73 5.10
C THR D 163 31.98 -19.89 6.06
N LYS D 164 32.84 -19.67 7.06
CA LYS D 164 33.08 -20.62 8.13
C LYS D 164 31.75 -20.95 8.79
N ALA D 165 31.04 -19.90 9.19
CA ALA D 165 29.75 -20.02 9.86
C ALA D 165 28.73 -20.78 9.00
N TYR D 166 28.89 -20.68 7.68
CA TYR D 166 28.03 -21.35 6.72
C TYR D 166 28.46 -22.80 6.54
N LEU D 167 29.76 -23.04 6.70
CA LEU D 167 30.31 -24.38 6.56
C LEU D 167 29.81 -25.31 7.66
N LYS D 168 29.75 -24.82 8.89
CA LYS D 168 29.26 -25.63 10.00
C LYS D 168 27.79 -26.02 9.78
N LEU D 169 26.98 -25.09 9.30
CA LEU D 169 25.57 -25.35 9.01
C LEU D 169 25.34 -26.41 7.93
N CYS D 170 26.00 -26.19 6.80
CA CYS D 170 25.77 -26.95 5.57
C CYS D 170 25.88 -28.48 5.61
N THR D 171 26.91 -29.00 6.28
CA THR D 171 27.13 -30.44 6.31
C THR D 171 26.09 -31.11 7.19
N THR D 172 25.73 -30.42 8.27
CA THR D 172 24.71 -30.90 9.20
C THR D 172 23.41 -31.10 8.49
N ILE D 173 22.92 -29.99 7.95
CA ILE D 173 21.63 -29.96 7.32
C ILE D 173 21.54 -30.82 6.05
N CYS D 174 22.65 -30.99 5.34
CA CYS D 174 22.62 -31.87 4.17
C CYS D 174 22.19 -33.27 4.62
N SER D 175 22.68 -33.67 5.79
CA SER D 175 22.31 -34.94 6.39
C SER D 175 20.83 -35.00 6.80
N TRP D 176 20.32 -33.93 7.42
CA TRP D 176 18.96 -33.93 7.94
C TRP D 176 17.93 -34.33 6.87
N VAL D 177 18.16 -33.92 5.63
CA VAL D 177 17.28 -34.29 4.53
C VAL D 177 17.50 -35.72 3.99
N ASP D 178 18.76 -36.10 3.75
CA ASP D 178 19.05 -37.44 3.23
C ASP D 178 18.62 -38.52 4.23
N ARG D 179 18.74 -38.24 5.53
CA ARG D 179 18.27 -39.17 6.54
C ARG D 179 16.77 -39.38 6.40
N ASP D 180 16.06 -38.30 6.13
CA ASP D 180 14.62 -38.35 5.90
C ASP D 180 14.30 -39.19 4.68
N ALA D 181 15.14 -39.09 3.66
CA ALA D 181 14.98 -39.87 2.43
C ALA D 181 14.91 -41.37 2.73
N THR D 182 15.69 -41.80 3.72
CA THR D 182 15.69 -43.21 4.12
C THR D 182 14.46 -43.52 4.96
N ASN D 183 13.95 -42.49 5.63
CA ASN D 183 12.73 -42.59 6.42
C ASN D 183 11.50 -42.32 5.57
N HIS D 184 11.74 -42.09 4.28
CA HIS D 184 10.70 -41.84 3.29
C HIS D 184 9.84 -40.65 3.70
N ILE D 185 10.49 -39.58 4.14
CA ILE D 185 9.78 -38.38 4.51
C ILE D 185 10.56 -37.22 3.96
N ILE D 186 9.87 -36.15 3.58
CA ILE D 186 10.54 -34.97 3.10
C ILE D 186 9.96 -33.73 3.78
N PRO D 187 10.82 -32.86 4.35
CA PRO D 187 10.31 -31.66 5.02
C PRO D 187 9.38 -30.86 4.13
N ILE D 188 8.34 -30.29 4.72
CA ILE D 188 7.32 -29.61 3.93
C ILE D 188 7.87 -28.39 3.21
N TRP D 189 8.24 -27.34 3.93
CA TRP D 189 8.71 -26.15 3.27
C TRP D 189 10.23 -26.14 3.41
N HIS D 190 10.88 -27.12 2.77
CA HIS D 190 12.27 -27.46 3.03
C HIS D 190 13.21 -26.27 2.99
N ASP D 191 13.13 -25.48 1.93
CA ASP D 191 13.92 -24.27 1.80
C ASP D 191 13.72 -23.38 3.02
N GLN D 192 12.46 -23.32 3.45
CA GLN D 192 12.05 -22.38 4.48
C GLN D 192 11.83 -23.01 5.86
N SER D 193 11.00 -24.07 5.91
CA SER D 193 10.59 -24.72 7.16
C SER D 193 11.75 -25.21 7.98
N LEU D 194 12.71 -25.75 7.26
CA LEU D 194 13.90 -26.35 7.84
C LEU D 194 14.81 -25.33 8.51
N ILE D 195 15.14 -24.29 7.76
CA ILE D 195 16.09 -23.27 8.20
C ILE D 195 15.65 -22.76 9.57
N ASN D 196 14.34 -22.58 9.71
CA ASN D 196 13.73 -22.13 10.96
C ASN D 196 14.08 -23.02 12.15
N LYS D 197 14.14 -24.32 11.91
CA LYS D 197 14.50 -25.28 12.95
C LYS D 197 15.93 -25.01 13.36
N TYR D 198 16.80 -24.82 12.38
CA TYR D 198 18.21 -24.61 12.63
C TYR D 198 18.37 -23.30 13.40
N PHE D 199 17.61 -22.28 13.00
CA PHE D 199 17.67 -20.99 13.68
C PHE D 199 17.04 -21.07 15.07
N LEU D 200 16.31 -22.15 15.34
CA LEU D 200 15.86 -22.43 16.69
C LEU D 200 17.05 -23.03 17.43
N ASP D 201 17.78 -23.91 16.75
CA ASP D 201 18.96 -24.54 17.33
C ASP D 201 20.00 -23.47 17.67
N ASN D 202 20.29 -22.58 16.72
CA ASN D 202 21.20 -21.46 16.96
C ASN D 202 20.56 -20.13 16.53
N PRO D 203 19.88 -19.45 17.49
CA PRO D 203 19.29 -18.15 17.18
C PRO D 203 20.32 -17.12 16.76
N PRO D 204 20.15 -16.51 15.59
CA PRO D 204 21.14 -15.51 15.18
C PRO D 204 21.19 -14.30 16.10
N ALA D 205 22.33 -13.62 16.09
CA ALA D 205 22.52 -12.39 16.85
C ALA D 205 21.63 -11.30 16.28
N ILE D 206 21.28 -11.43 15.00
CA ILE D 206 20.50 -10.43 14.29
C ILE D 206 19.31 -11.03 13.54
N THR D 207 18.23 -10.28 13.50
CA THR D 207 17.05 -10.67 12.74
C THR D 207 16.77 -9.54 11.77
N LEU D 208 16.89 -9.84 10.48
CA LEU D 208 16.77 -8.80 9.48
C LEU D 208 15.32 -8.65 9.09
N SER D 209 14.83 -7.41 9.12
CA SER D 209 13.46 -7.12 8.73
C SER D 209 13.16 -7.59 7.32
N PRO D 210 11.90 -7.96 7.05
CA PRO D 210 11.52 -8.42 5.71
C PRO D 210 11.58 -7.28 4.70
N ALA D 211 12.02 -6.10 5.15
CA ALA D 211 12.34 -5.00 4.25
C ALA D 211 13.48 -5.43 3.34
N TYR D 212 14.24 -6.41 3.81
CA TYR D 212 15.36 -6.96 3.06
C TYR D 212 14.88 -8.12 2.17
N LEU D 213 13.61 -8.46 2.29
CA LEU D 213 13.00 -9.43 1.38
C LEU D 213 11.62 -8.95 0.97
N TYR D 214 11.59 -7.90 0.16
CA TYR D 214 10.33 -7.24 -0.19
C TYR D 214 9.90 -7.58 -1.61
N PRO D 215 8.79 -8.32 -1.74
CA PRO D 215 8.23 -8.65 -3.06
C PRO D 215 7.65 -7.39 -3.70
N GLU D 216 7.85 -7.18 -4.99
CA GLU D 216 7.37 -5.95 -5.61
C GLU D 216 5.86 -5.93 -5.76
N GLY D 217 5.28 -4.75 -5.58
CA GLY D 217 3.85 -4.56 -5.69
C GLY D 217 3.18 -4.62 -4.33
N TRP D 218 3.86 -5.23 -3.37
CA TRP D 218 3.31 -5.36 -2.03
C TRP D 218 3.40 -4.05 -1.27
N LEU D 219 2.47 -3.84 -0.33
CA LEU D 219 2.54 -2.70 0.59
C LEU D 219 2.72 -3.16 2.03
N LEU D 220 3.95 -3.09 2.52
CA LEU D 220 4.31 -3.54 3.85
C LEU D 220 4.76 -2.37 4.72
N PRO D 221 4.71 -2.54 6.05
CA PRO D 221 5.19 -1.46 6.91
C PRO D 221 6.71 -1.35 6.92
N PHE D 222 7.34 -1.45 5.74
CA PHE D 222 8.79 -1.46 5.66
C PHE D 222 9.24 -0.61 4.49
N GLU D 223 10.53 -0.27 4.45
CA GLU D 223 11.09 0.40 3.28
C GLU D 223 11.74 -0.62 2.38
N PRO D 224 11.39 -0.59 1.08
CA PRO D 224 12.01 -1.54 0.17
C PRO D 224 13.52 -1.34 0.22
N ILE D 225 14.29 -2.42 0.32
CA ILE D 225 15.74 -2.28 0.31
C ILE D 225 16.36 -3.26 -0.68
N ILE D 226 15.99 -4.53 -0.54
CA ILE D 226 16.33 -5.52 -1.55
C ILE D 226 15.03 -6.24 -1.92
N LEU D 227 14.83 -6.46 -3.22
CA LEU D 227 13.50 -6.76 -3.78
C LEU D 227 13.43 -8.07 -4.58
N ILE D 228 12.21 -8.62 -4.71
CA ILE D 228 11.93 -9.85 -5.46
C ILE D 228 11.17 -9.61 -6.76
N ARG D 229 11.79 -9.93 -7.90
CA ARG D 229 11.13 -9.73 -9.19
C ARG D 229 9.85 -10.54 -9.33
N ASP D 230 8.92 -10.01 -10.11
CA ASP D 230 7.68 -10.72 -10.40
C ASP D 230 8.02 -11.75 -11.47
N LYS D 231 7.78 -13.01 -11.17
CA LYS D 231 8.20 -14.08 -12.07
C LYS D 231 7.28 -14.18 -13.30
N ASN D 232 6.06 -13.68 -13.14
CA ASN D 232 5.05 -13.76 -14.19
C ASN D 232 5.12 -12.59 -15.16
N LYS D 233 6.25 -11.89 -15.18
CA LYS D 233 6.42 -10.80 -16.13
C LYS D 233 6.44 -11.37 -17.54
N PRO D 234 5.86 -10.62 -18.50
CA PRO D 234 5.72 -11.04 -19.89
C PRO D 234 7.05 -11.14 -20.66
N GLN D 235 8.06 -10.43 -20.19
CA GLN D 235 9.38 -10.42 -20.83
C GLN D 235 10.13 -11.74 -20.63
N TYR D 236 9.76 -12.49 -19.60
CA TYR D 236 10.52 -13.66 -19.21
C TYR D 236 9.84 -14.96 -19.66
C1' UD2 E . -13.94 -18.31 7.18
C2' UD2 E . -13.04 -17.66 6.11
C3' UD2 E . -13.67 -17.84 4.74
C4' UD2 E . -15.13 -17.41 4.69
C5' UD2 E . -15.66 -17.07 6.07
C6' UD2 E . -17.17 -16.84 6.02
C7' UD2 E . -12.66 -15.25 5.67
C8' UD2 E . -13.54 -14.09 6.03
N2' UD2 E . -12.72 -16.29 6.50
O1' UD2 E . -13.60 -17.75 8.44
O3' UD2 E . -13.60 -19.22 4.38
O4' UD2 E . -15.87 -18.52 4.18
O5' UD2 E . -15.35 -18.15 6.93
O6' UD2 E . -17.71 -17.61 4.94
O7' UD2 E . -11.92 -15.21 4.71
N1 UD2 E . -20.74 -21.36 10.35
C2 UD2 E . -19.88 -22.45 9.98
N3 UD2 E . -19.94 -23.60 10.66
C4 UD2 E . -20.78 -23.76 11.68
C5 UD2 E . -21.62 -22.73 12.06
C6 UD2 E . -21.57 -21.52 11.38
O2 UD2 E . -19.07 -22.36 9.03
O4 UD2 E . -20.83 -24.85 12.29
C1B UD2 E . -20.74 -20.05 9.70
C2B UD2 E . -20.45 -19.09 10.84
O2' UD2 E . -21.18 -17.86 10.68
C3B UD2 E . -18.97 -18.84 10.74
C4B UD2 E . -18.65 -19.06 9.27
O4B UD2 E . -19.69 -19.88 8.75
O3B UD2 E . -18.65 -17.51 11.15
C5B UD2 E . -17.33 -19.78 9.06
O5B UD2 E . -16.45 -19.53 10.14
PA UD2 E . -15.05 -20.30 10.18
O1A UD2 E . -15.04 -21.19 11.39
O2A UD2 E . -14.84 -20.89 8.80
O3A UD2 E . -14.04 -19.08 10.45
PB UD2 E . -12.81 -18.68 9.48
O1B UD2 E . -12.37 -19.91 8.72
O2B UD2 E . -11.83 -17.83 10.23
N1 UDP F . -8.50 23.00 14.62
C2 UDP F . -9.65 22.89 13.79
N3 UDP F . -10.69 23.71 13.95
C4 UDP F . -10.66 24.67 14.87
C5 UDP F . -9.55 24.82 15.69
C6 UDP F . -8.45 23.96 15.54
O2 UDP F . -9.80 22.03 12.90
O4 UDP F . -11.64 25.42 14.98
C1' UDP F . -7.29 22.16 14.54
C2' UDP F . -7.53 20.70 14.19
O2' UDP F . -6.62 19.88 14.92
C3' UDP F . -7.25 20.59 12.71
C4' UDP F . -6.43 21.83 12.39
O4' UDP F . -6.43 22.69 13.52
O3' UDP F . -6.56 19.40 12.36
C5' UDP F . -7.10 22.56 11.24
O5' UDP F . -6.17 22.65 10.17
PA UDP F . -6.12 21.46 9.09
O1A UDP F . -4.67 21.26 8.74
O2A UDP F . -6.94 20.29 9.58
O3A UDP F . -6.86 22.14 7.83
PB UDP F . -8.44 21.94 7.58
O1B UDP F . -8.49 20.68 6.74
O2B UDP F . -9.07 21.83 8.94
O3B UDP F . -8.82 23.18 6.81
O5 A2G G . -0.43 17.38 1.86
C1 A2G G . -1.50 17.43 2.82
O1 A2G G . -2.74 17.58 2.11
C2 A2G G . -1.30 18.62 3.74
N2 A2G G . -2.43 18.73 4.65
C3 A2G G . -1.16 19.91 2.95
O3 A2G G . -0.67 20.93 3.84
C4 A2G G . -0.19 19.78 1.77
O4 A2G G . 1.16 19.81 2.24
C5 A2G G . -0.44 18.50 0.99
C6 A2G G . 0.64 18.32 -0.08
O6 A2G G . 0.90 19.59 -0.69
C7 A2G G . -2.37 18.32 5.91
O7 A2G G . -2.75 17.21 6.26
C8 A2G G . -1.81 19.31 6.89
C1' UD2 H . 2.87 16.33 -15.26
C2' UD2 H . 1.53 16.19 -14.55
C3' UD2 H . 1.74 15.19 -13.43
C4' UD2 H . 2.25 13.86 -14.00
C5' UD2 H . 2.67 13.88 -15.48
C6' UD2 H . 1.52 13.42 -16.36
C7' UD2 H . 0.11 18.01 -14.98
C8' UD2 H . -0.52 19.33 -14.57
N2' UD2 H . 0.97 17.46 -14.14
O1' UD2 H . 3.90 16.53 -14.30
O3' UD2 H . 0.51 14.97 -12.73
O4' UD2 H . 1.23 12.87 -13.83
O5' UD2 H . 3.13 15.14 -16.01
O6' UD2 H . 1.01 12.17 -15.91
O7' UD2 H . -0.16 17.47 -16.04
N1 UD2 H . 5.28 20.65 -22.85
C2 UD2 H . 4.43 21.65 -22.34
N3 UD2 H . 4.86 22.91 -22.20
C4 UD2 H . 6.12 23.23 -22.53
C5 UD2 H . 6.98 22.27 -23.04
C6 UD2 H . 6.54 20.96 -23.18
O2 UD2 H . 3.24 21.39 -22.01
O4 UD2 H . 6.51 24.42 -22.40
C1B UD2 H . 4.83 19.25 -23.00
C2B UD2 H . 6.04 18.33 -23.02
O2' UD2 H . 5.86 17.29 -23.98
C3B UD2 H . 6.13 17.72 -21.64
C4B UD2 H . 4.86 18.13 -20.94
O4B UD2 H . 4.07 18.88 -21.85
O3B UD2 H . 6.21 16.30 -21.74
C5B UD2 H . 5.16 19.02 -19.75
O5B UD2 H . 4.81 18.31 -18.56
PA UD2 H . 5.40 18.81 -17.17
O1A UD2 H . 6.90 18.88 -17.29
O2A UD2 H . 4.62 20.01 -16.73
O3A UD2 H . 5.03 17.55 -16.23
PB UD2 H . 5.00 17.65 -14.62
O1B UD2 H . 4.43 18.99 -14.21
O2B UD2 H . 6.34 17.18 -14.09
N1 UDP I . 14.83 -22.66 -10.10
C2 UDP I . 15.11 -22.96 -11.45
N3 UDP I . 14.17 -23.50 -12.24
C4 UDP I . 12.94 -23.73 -11.76
C5 UDP I . 12.63 -23.43 -10.44
C6 UDP I . 13.59 -22.89 -9.62
O2 UDP I . 16.26 -22.76 -11.92
O4 UDP I . 12.07 -24.24 -12.51
C1' UDP I . 15.87 -22.08 -9.21
C2' UDP I . 16.23 -20.66 -9.63
O2' UDP I . 17.56 -20.53 -10.14
C3' UDP I . 15.99 -19.75 -8.45
C4' UDP I . 15.49 -20.68 -7.35
O4' UDP I . 15.34 -21.99 -7.88
O3' UDP I . 17.17 -19.07 -8.05
C5' UDP I . 14.14 -20.21 -6.80
O5' UDP I . 13.80 -20.98 -5.66
PA UDP I . 12.27 -21.41 -5.51
O1A UDP I . 11.70 -21.64 -6.89
O2A UDP I . 12.19 -22.50 -4.47
O3A UDP I . 11.63 -20.07 -4.89
PB UDP I . 10.60 -19.17 -5.76
O1B UDP I . 10.34 -17.98 -4.88
O2B UDP I . 11.36 -18.84 -7.03
O3B UDP I . 9.42 -20.09 -5.97
O5 A2G J . 5.90 -20.34 2.43
C1 A2G J . 6.74 -19.64 1.51
O1 A2G J . 6.98 -18.31 1.98
C2 A2G J . 6.05 -19.59 0.14
N2 A2G J . 6.28 -18.31 -0.49
C3 A2G J . 4.56 -19.88 0.29
O3 A2G J . 4.35 -21.29 0.41
C4 A2G J . 3.99 -19.17 1.51
O4 A2G J . 2.57 -19.40 1.62
C5 A2G J . 4.70 -19.64 2.77
C6 A2G J . 3.80 -20.56 3.60
O6 A2G J . 2.96 -21.34 2.75
C7 A2G J . 7.11 -18.16 -1.51
O7 A2G J . 6.72 -17.98 -2.66
C8 A2G J . 8.58 -18.23 -1.20
#